data_4WV9
#
_entry.id   4WV9
#
_cell.length_a   87.014
_cell.length_b   115.391
_cell.length_c   130.260
_cell.angle_alpha   90.00
_cell.angle_beta   90.00
_cell.angle_gamma   90.00
#
_symmetry.space_group_name_H-M   'P 21 21 21'
#
loop_
_entity.id
_entity.type
_entity.pdbx_description
1 polymer 'Soluble acetylcholine receptor'
2 non-polymer (3-exo)-8,8-dimethyl-3-[4-(pyridin-4-yl)-1H-1,2,3-triazol-1-yl]-8-azoniabicyclo[3.2.1]octane
3 water water
#
_entity_poly.entity_id   1
_entity_poly.type   'polypeptide(L)'
_entity_poly.pdbx_seq_one_letter_code
;DYKDDDDKLHSQANLMRLKSDLFNRSPMYPGPTKDDPLTVTLGFTLQDIVKADSSTNEVDLVYYEQQRWKLNSLMWDPNE
YGNITDFRTSAADIWTPDITAYSSTRPVQVLSPQIAVVTHDGSVMFIPAQRLSFMCDPTGVDSEEGATCAVKFGSWVYSG
FEIDLKTDTDQVDLSSYYASSKYEILSATQTRQVQHYSCCPEPYIDVNLVVKFRER
;
_entity_poly.pdbx_strand_id   A,B,C,D,E
#
loop_
_chem_comp.id
_chem_comp.type
_chem_comp.name
_chem_comp.formula
MD4 non-polymer (3-exo)-8,8-dimethyl-3-[4-(pyridin-4-yl)-1H-1,2,3-triazol-1-yl]-8-azoniabicyclo[3.2.1]octane 'C16 H22 N5 1'
#
# COMPACT_ATOMS: atom_id res chain seq x y z
N ASP A 7 25.83 25.96 -21.69
CA ASP A 7 24.81 25.93 -22.72
C ASP A 7 23.67 24.99 -22.34
N LYS A 8 24.04 23.82 -21.82
CA LYS A 8 23.04 22.87 -21.33
C LYS A 8 22.54 23.32 -19.96
N LEU A 9 23.43 23.90 -19.15
CA LEU A 9 23.07 24.43 -17.85
C LEU A 9 22.06 25.56 -18.00
N HIS A 10 22.08 26.21 -19.17
CA HIS A 10 21.15 27.28 -19.47
C HIS A 10 19.74 26.75 -19.74
N SER A 11 19.65 25.71 -20.56
CA SER A 11 18.35 25.10 -20.85
C SER A 11 17.74 24.54 -19.57
N GLN A 12 18.57 23.98 -18.72
CA GLN A 12 18.10 23.47 -17.42
C GLN A 12 17.61 24.60 -16.54
N ALA A 13 18.39 25.68 -16.49
CA ALA A 13 18.03 26.84 -15.67
C ALA A 13 16.71 27.44 -16.15
N ASN A 14 16.52 27.44 -17.47
CA ASN A 14 15.27 27.91 -18.06
C ASN A 14 14.07 27.05 -17.64
N LEU A 15 14.22 25.73 -17.73
CA LEU A 15 13.15 24.81 -17.34
C LEU A 15 12.78 24.99 -15.87
N MET A 16 13.76 24.99 -15.00
CA MET A 16 13.54 25.14 -13.56
C MET A 16 12.87 26.48 -13.20
N ARG A 17 13.24 27.54 -13.90
CA ARG A 17 12.62 28.84 -13.70
C ARG A 17 11.15 28.85 -14.14
N LEU A 18 10.89 28.22 -15.28
CA LEU A 18 9.53 28.09 -15.79
C LEU A 18 8.65 27.34 -14.80
N LYS A 19 9.12 26.19 -14.32
CA LYS A 19 8.35 25.39 -13.37
C LYS A 19 8.08 26.19 -12.10
N SER A 20 9.10 26.94 -11.66
CA SER A 20 8.98 27.80 -10.48
C SER A 20 7.97 28.91 -10.70
N ASP A 21 8.09 29.63 -11.81
CA ASP A 21 7.14 30.68 -12.17
C ASP A 21 5.71 30.13 -12.20
N LEU A 22 5.54 28.97 -12.82
CA LEU A 22 4.21 28.38 -12.95
C LEU A 22 3.62 27.90 -11.63
N PHE A 23 4.43 27.27 -10.81
CA PHE A 23 3.91 26.63 -9.59
C PHE A 23 4.02 27.52 -8.35
N ASN A 24 4.52 28.74 -8.52
CA ASN A 24 4.58 29.72 -7.42
C ASN A 24 4.22 31.13 -7.91
N TYR A 29 -3.87 25.91 -8.43
CA TYR A 29 -5.14 26.02 -9.14
C TYR A 29 -6.17 25.20 -8.38
N PRO A 30 -7.32 25.81 -8.07
CA PRO A 30 -8.27 25.18 -7.14
C PRO A 30 -9.23 24.22 -7.83
N GLY A 31 -8.99 23.91 -9.10
CA GLY A 31 -9.91 23.08 -9.84
C GLY A 31 -10.99 23.92 -10.50
N PRO A 32 -11.75 23.30 -11.41
CA PRO A 32 -12.77 24.04 -12.18
C PRO A 32 -13.98 24.44 -11.33
N THR A 33 -14.72 25.41 -11.82
CA THR A 33 -15.95 25.90 -11.20
C THR A 33 -16.92 26.27 -12.30
N LYS A 34 -18.17 26.53 -11.95
CA LYS A 34 -19.15 26.96 -12.94
C LYS A 34 -18.72 28.28 -13.61
N ASP A 35 -17.96 29.10 -12.88
CA ASP A 35 -17.45 30.37 -13.43
C ASP A 35 -16.19 30.18 -14.24
N ASP A 36 -15.46 29.11 -13.95
CA ASP A 36 -14.20 28.83 -14.61
C ASP A 36 -14.19 27.36 -15.01
N PRO A 37 -15.09 26.98 -15.94
CA PRO A 37 -15.25 25.56 -16.25
C PRO A 37 -14.17 25.05 -17.19
N LEU A 38 -14.14 23.74 -17.33
CA LEU A 38 -13.03 23.03 -17.94
C LEU A 38 -13.57 21.95 -18.86
N THR A 39 -12.89 21.67 -19.96
CA THR A 39 -13.26 20.54 -20.82
C THR A 39 -12.15 19.49 -20.80
N VAL A 40 -12.54 18.24 -20.58
CA VAL A 40 -11.58 17.15 -20.59
C VAL A 40 -11.89 16.26 -21.78
N THR A 41 -10.92 16.08 -22.65
CA THR A 41 -11.07 15.13 -23.74
C THR A 41 -10.53 13.76 -23.31
N LEU A 42 -11.34 12.72 -23.54
CA LEU A 42 -11.02 11.36 -23.14
C LEU A 42 -10.92 10.47 -24.37
N GLY A 43 -9.96 9.56 -24.36
CA GLY A 43 -9.80 8.57 -25.41
C GLY A 43 -9.26 7.29 -24.81
N PHE A 44 -9.74 6.15 -25.28
CA PHE A 44 -9.26 4.87 -24.76
C PHE A 44 -8.46 4.09 -25.80
N THR A 45 -7.38 3.46 -25.35
CA THR A 45 -6.62 2.53 -26.16
C THR A 45 -6.68 1.19 -25.43
N LEU A 46 -7.52 0.29 -25.91
CA LEU A 46 -7.75 -0.99 -25.24
C LEU A 46 -6.65 -1.98 -25.60
N GLN A 47 -5.95 -2.50 -24.58
CA GLN A 47 -4.86 -3.43 -24.83
C GLN A 47 -5.22 -4.91 -24.66
N ASP A 48 -6.09 -5.21 -23.71
CA ASP A 48 -6.34 -6.61 -23.40
C ASP A 48 -7.60 -6.77 -22.58
N ILE A 49 -8.38 -7.78 -22.94
CA ILE A 49 -9.32 -8.35 -22.00
C ILE A 49 -8.61 -9.55 -21.38
N VAL A 50 -8.20 -9.38 -20.13
CA VAL A 50 -7.35 -10.36 -19.46
C VAL A 50 -8.16 -11.55 -18.99
N LYS A 51 -9.31 -11.27 -18.39
CA LYS A 51 -10.18 -12.38 -18.05
C LYS A 51 -11.62 -11.99 -17.83
N ALA A 52 -12.48 -13.00 -17.89
CA ALA A 52 -13.91 -12.84 -17.72
C ALA A 52 -14.40 -13.86 -16.71
N ASP A 53 -15.05 -13.41 -15.65
CA ASP A 53 -15.45 -14.31 -14.58
C ASP A 53 -16.96 -14.44 -14.58
N SER A 54 -17.45 -15.55 -15.13
CA SER A 54 -18.89 -15.79 -15.23
C SER A 54 -19.47 -16.20 -13.88
N SER A 55 -18.62 -16.45 -12.89
CA SER A 55 -19.11 -16.79 -11.56
C SER A 55 -19.49 -15.52 -10.78
N THR A 56 -18.89 -14.39 -11.12
CA THR A 56 -19.16 -13.12 -10.42
C THR A 56 -19.61 -12.00 -11.37
N ASN A 57 -19.59 -12.28 -12.67
CA ASN A 57 -19.89 -11.27 -13.69
C ASN A 57 -19.00 -10.03 -13.50
N GLU A 58 -17.70 -10.32 -13.54
CA GLU A 58 -16.63 -9.34 -13.51
C GLU A 58 -15.72 -9.59 -14.71
N VAL A 59 -15.37 -8.53 -15.42
CA VAL A 59 -14.41 -8.67 -16.51
C VAL A 59 -13.25 -7.71 -16.27
N ASP A 60 -12.03 -8.15 -16.61
CA ASP A 60 -10.83 -7.35 -16.36
C ASP A 60 -10.26 -6.83 -17.66
N LEU A 61 -10.13 -5.51 -17.76
CA LEU A 61 -9.56 -4.85 -18.93
C LEU A 61 -8.21 -4.20 -18.60
N VAL A 62 -7.29 -4.20 -19.58
CA VAL A 62 -6.08 -3.38 -19.48
C VAL A 62 -6.13 -2.40 -20.65
N TYR A 63 -5.93 -1.12 -20.36
CA TYR A 63 -6.04 -0.06 -21.36
C TYR A 63 -5.24 1.13 -20.86
N TYR A 64 -4.97 2.07 -21.74
CA TYR A 64 -4.59 3.38 -21.26
C TYR A 64 -5.57 4.42 -21.75
N GLU A 65 -5.74 5.41 -20.90
CA GLU A 65 -6.83 6.35 -21.00
C GLU A 65 -6.20 7.72 -21.22
N GLN A 66 -6.35 8.28 -22.42
CA GLN A 66 -5.78 9.58 -22.70
C GLN A 66 -6.69 10.69 -22.20
N GLN A 67 -6.12 11.58 -21.38
CA GLN A 67 -6.85 12.70 -20.81
C GLN A 67 -6.17 14.01 -21.22
N ARG A 68 -6.96 14.95 -21.72
CA ARG A 68 -6.45 16.24 -22.16
C ARG A 68 -7.34 17.37 -21.67
N TRP A 69 -6.71 18.41 -21.14
CA TRP A 69 -7.43 19.61 -20.75
C TRP A 69 -6.49 20.79 -20.89
N LYS A 70 -7.02 21.98 -20.65
CA LYS A 70 -6.28 23.21 -20.92
C LYS A 70 -6.55 24.26 -19.86
N LEU A 71 -5.49 24.81 -19.31
CA LEU A 71 -5.60 25.85 -18.29
C LEU A 71 -4.85 27.11 -18.71
N ASN A 72 -5.52 28.26 -18.61
CA ASN A 72 -4.87 29.55 -18.84
C ASN A 72 -3.65 29.72 -17.94
N SER A 73 -3.77 29.27 -16.69
CA SER A 73 -2.70 29.42 -15.71
C SER A 73 -1.45 28.58 -16.01
N LEU A 74 -1.52 27.75 -17.05
CA LEU A 74 -0.35 26.96 -17.41
C LEU A 74 0.26 27.44 -18.72
N MET A 75 -0.31 28.51 -19.29
CA MET A 75 0.25 29.08 -20.51
C MET A 75 1.56 29.83 -20.23
N TRP A 76 2.47 29.79 -21.19
CA TRP A 76 3.65 30.65 -21.14
C TRP A 76 4.15 30.96 -22.55
N ASP A 77 5.03 31.94 -22.63
CA ASP A 77 5.65 32.32 -23.90
C ASP A 77 6.98 31.59 -24.04
N PRO A 78 7.09 30.70 -25.03
CA PRO A 78 8.34 29.95 -25.18
C PRO A 78 9.56 30.87 -25.28
N ASN A 79 9.39 32.03 -25.89
CA ASN A 79 10.49 32.96 -26.10
C ASN A 79 11.06 33.55 -24.82
N GLU A 80 10.24 33.63 -23.78
CA GLU A 80 10.70 34.10 -22.48
C GLU A 80 11.46 33.02 -21.70
N TYR A 81 11.40 31.79 -22.17
CA TYR A 81 11.99 30.66 -21.44
C TYR A 81 12.85 29.75 -22.30
N GLY A 82 13.68 30.33 -23.15
CA GLY A 82 14.63 29.54 -23.93
C GLY A 82 13.98 28.71 -25.01
N ASN A 83 12.76 29.10 -25.42
CA ASN A 83 12.02 28.36 -26.42
C ASN A 83 11.59 26.98 -25.96
N ILE A 84 11.47 26.82 -24.65
CA ILE A 84 10.85 25.63 -24.08
C ILE A 84 9.37 25.64 -24.44
N THR A 85 8.91 24.60 -25.12
CA THR A 85 7.52 24.53 -25.57
C THR A 85 6.67 23.53 -24.76
N ASP A 86 7.33 22.63 -24.04
CA ASP A 86 6.62 21.69 -23.19
C ASP A 86 7.56 21.14 -22.12
N PHE A 87 6.99 20.55 -21.08
CA PHE A 87 7.80 19.87 -20.08
C PHE A 87 7.00 18.73 -19.45
N ARG A 88 7.73 17.79 -18.85
CA ARG A 88 7.13 16.68 -18.12
C ARG A 88 7.13 17.02 -16.63
N THR A 89 6.07 16.65 -15.93
CA THR A 89 6.03 16.90 -14.50
C THR A 89 5.16 15.89 -13.78
N SER A 90 5.53 15.59 -12.53
CA SER A 90 4.77 14.67 -11.71
C SER A 90 3.29 15.08 -11.67
N ALA A 91 2.39 14.11 -11.82
CA ALA A 91 0.96 14.42 -11.76
C ALA A 91 0.56 15.00 -10.39
N ALA A 92 1.40 14.83 -9.37
CA ALA A 92 1.12 15.42 -8.06
C ALA A 92 1.42 16.93 -8.02
N ASP A 93 2.21 17.43 -8.97
CA ASP A 93 2.52 18.86 -9.01
C ASP A 93 1.37 19.70 -9.55
N ILE A 94 0.38 19.05 -10.17
CA ILE A 94 -0.70 19.75 -10.84
C ILE A 94 -2.08 19.20 -10.49
N TRP A 95 -3.12 19.97 -10.78
CA TRP A 95 -4.47 19.48 -10.67
C TRP A 95 -4.71 18.46 -11.79
N THR A 96 -5.44 17.40 -11.48
CA THR A 96 -5.89 16.45 -12.50
C THR A 96 -7.35 16.12 -12.27
N PRO A 97 -8.08 15.80 -13.35
CA PRO A 97 -9.51 15.49 -13.24
C PRO A 97 -9.77 14.14 -12.55
N ASP A 98 -10.85 14.08 -11.80
CA ASP A 98 -11.23 12.88 -11.04
C ASP A 98 -12.06 11.90 -11.89
N ILE A 99 -11.57 11.58 -13.09
CA ILE A 99 -12.26 10.65 -13.99
C ILE A 99 -12.28 9.25 -13.38
N THR A 100 -13.49 8.71 -13.23
CA THR A 100 -13.73 7.48 -12.47
C THR A 100 -14.62 6.55 -13.28
N ALA A 101 -14.35 5.26 -13.24
CA ALA A 101 -15.29 4.28 -13.77
C ALA A 101 -16.47 4.18 -12.80
N TYR A 102 -17.69 4.17 -13.33
CA TYR A 102 -18.87 4.21 -12.49
C TYR A 102 -19.33 2.81 -12.04
N SER A 103 -18.76 1.76 -12.61
CA SER A 103 -19.19 0.40 -12.26
C SER A 103 -18.00 -0.55 -12.09
N SER A 104 -16.90 -0.04 -11.54
CA SER A 104 -15.78 -0.90 -11.17
C SER A 104 -16.17 -1.76 -9.96
N THR A 105 -15.45 -2.86 -9.76
CA THR A 105 -15.73 -3.75 -8.62
C THR A 105 -14.53 -3.91 -7.74
N ARG A 106 -13.43 -3.29 -8.17
CA ARG A 106 -12.18 -3.27 -7.41
CA ARG A 106 -12.16 -3.26 -7.43
C ARG A 106 -11.46 -1.94 -7.72
N PRO A 107 -10.64 -1.46 -6.77
CA PRO A 107 -9.87 -0.24 -7.06
C PRO A 107 -9.07 -0.43 -8.34
N VAL A 108 -9.03 0.58 -9.21
CA VAL A 108 -8.20 0.51 -10.42
CA VAL A 108 -8.21 0.50 -10.41
C VAL A 108 -6.74 0.34 -10.05
N GLN A 109 -6.02 -0.47 -10.83
CA GLN A 109 -4.58 -0.64 -10.62
C GLN A 109 -3.82 0.14 -11.67
N VAL A 110 -2.93 1.02 -11.22
CA VAL A 110 -2.21 1.92 -12.14
C VAL A 110 -0.94 1.24 -12.63
N LEU A 111 -0.74 1.24 -13.95
CA LEU A 111 0.32 0.46 -14.58
C LEU A 111 1.42 1.36 -15.16
N SER A 112 1.21 2.66 -15.12
CA SER A 112 2.16 3.61 -15.69
C SER A 112 2.50 4.71 -14.66
N PRO A 113 3.67 5.37 -14.85
CA PRO A 113 4.10 6.41 -13.91
C PRO A 113 3.14 7.61 -13.91
N GLN A 114 2.93 8.20 -12.74
CA GLN A 114 1.98 9.29 -12.66
C GLN A 114 2.70 10.61 -13.01
N ILE A 115 2.95 10.76 -14.30
CA ILE A 115 3.65 11.92 -14.86
C ILE A 115 2.82 12.46 -16.02
N ALA A 116 2.72 13.78 -16.13
CA ALA A 116 1.96 14.41 -17.20
C ALA A 116 2.84 15.30 -18.09
N VAL A 117 2.32 15.65 -19.26
CA VAL A 117 3.02 16.57 -20.16
C VAL A 117 2.25 17.88 -20.26
N VAL A 118 2.93 18.98 -19.94
CA VAL A 118 2.34 20.31 -20.00
C VAL A 118 2.95 21.07 -21.17
N THR A 119 2.10 21.69 -21.99
CA THR A 119 2.55 22.38 -23.20
C THR A 119 2.29 23.89 -23.09
N HIS A 120 3.06 24.70 -23.82
CA HIS A 120 3.09 26.16 -23.58
C HIS A 120 1.73 26.83 -23.79
N ASP A 121 0.82 26.18 -24.50
CA ASP A 121 -0.52 26.72 -24.72
C ASP A 121 -1.46 26.42 -23.55
N GLY A 122 -0.90 25.90 -22.45
CA GLY A 122 -1.69 25.60 -21.28
C GLY A 122 -2.35 24.23 -21.28
N SER A 123 -2.14 23.45 -22.33
CA SER A 123 -2.76 22.13 -22.41
C SER A 123 -1.97 21.09 -21.63
N VAL A 124 -2.69 20.16 -21.01
CA VAL A 124 -2.06 19.10 -20.23
C VAL A 124 -2.47 17.76 -20.84
N MET A 125 -1.52 16.83 -20.94
CA MET A 125 -1.77 15.50 -21.48
C MET A 125 -1.34 14.46 -20.43
N PHE A 126 -2.28 13.65 -19.97
CA PHE A 126 -2.02 12.64 -18.93
C PHE A 126 -2.59 11.32 -19.40
N ILE A 127 -1.76 10.28 -19.45
CA ILE A 127 -2.21 9.01 -20.06
C ILE A 127 -1.98 7.80 -19.13
N PRO A 128 -2.82 7.68 -18.08
CA PRO A 128 -2.67 6.55 -17.14
C PRO A 128 -3.05 5.19 -17.77
N ALA A 129 -2.16 4.21 -17.66
CA ALA A 129 -2.48 2.85 -18.03
C ALA A 129 -3.09 2.18 -16.80
N GLN A 130 -4.14 1.41 -16.99
CA GLN A 130 -4.90 0.88 -15.88
C GLN A 130 -5.33 -0.57 -16.13
N ARG A 131 -5.41 -1.35 -15.06
CA ARG A 131 -6.17 -2.60 -15.06
C ARG A 131 -7.43 -2.37 -14.26
N LEU A 132 -8.57 -2.68 -14.87
CA LEU A 132 -9.88 -2.42 -14.30
C LEU A 132 -10.75 -3.67 -14.26
N SER A 133 -11.29 -4.01 -13.08
CA SER A 133 -12.38 -4.98 -12.98
C SER A 133 -13.71 -4.23 -12.96
N PHE A 134 -14.66 -4.63 -13.81
CA PHE A 134 -15.95 -3.94 -13.86
C PHE A 134 -17.09 -4.91 -14.10
N MET A 135 -18.31 -4.43 -13.84
CA MET A 135 -19.50 -5.28 -13.90
C MET A 135 -19.83 -5.65 -15.34
N CYS A 136 -19.80 -6.95 -15.61
CA CYS A 136 -19.95 -7.44 -16.97
C CYS A 136 -20.35 -8.92 -16.98
N ASP A 137 -21.44 -9.22 -17.68
CA ASP A 137 -21.92 -10.59 -17.85
C ASP A 137 -21.37 -11.12 -19.18
N PRO A 138 -20.44 -12.06 -19.11
CA PRO A 138 -19.78 -12.55 -20.32
C PRO A 138 -20.59 -13.64 -21.06
N THR A 139 -21.83 -13.89 -20.65
CA THR A 139 -22.71 -14.84 -21.34
C THR A 139 -22.74 -14.56 -22.85
N GLY A 140 -22.42 -15.58 -23.64
CA GLY A 140 -22.43 -15.46 -25.09
C GLY A 140 -21.05 -15.30 -25.68
N VAL A 141 -20.04 -15.17 -24.82
CA VAL A 141 -18.69 -14.91 -25.31
C VAL A 141 -18.15 -16.11 -26.11
N ASP A 142 -18.73 -17.27 -25.89
CA ASP A 142 -18.32 -18.46 -26.63
C ASP A 142 -19.27 -18.75 -27.79
N SER A 143 -19.86 -17.69 -28.36
CA SER A 143 -20.77 -17.80 -29.50
C SER A 143 -20.35 -16.83 -30.60
N GLU A 144 -20.88 -17.01 -31.81
CA GLU A 144 -20.51 -16.13 -32.92
C GLU A 144 -20.79 -14.66 -32.61
N GLU A 145 -21.90 -14.41 -31.92
CA GLU A 145 -22.34 -13.04 -31.57
C GLU A 145 -21.46 -12.39 -30.50
N GLY A 146 -20.76 -13.22 -29.73
CA GLY A 146 -19.98 -12.74 -28.59
C GLY A 146 -20.83 -12.15 -27.48
N ALA A 147 -20.17 -11.50 -26.52
CA ALA A 147 -20.83 -10.84 -25.40
C ALA A 147 -20.62 -9.34 -25.51
N THR A 148 -21.52 -8.56 -24.92
CA THR A 148 -21.40 -7.10 -24.93
C THR A 148 -21.48 -6.56 -23.52
N CYS A 149 -20.55 -5.68 -23.17
CA CYS A 149 -20.56 -5.04 -21.87
C CYS A 149 -20.21 -3.59 -22.02
N ALA A 150 -20.44 -2.83 -20.97
CA ALA A 150 -20.24 -1.40 -21.02
C ALA A 150 -19.93 -0.85 -19.64
N VAL A 151 -19.15 0.21 -19.61
CA VAL A 151 -18.85 0.91 -18.38
C VAL A 151 -18.68 2.40 -18.69
N LYS A 152 -19.30 3.24 -17.86
CA LYS A 152 -19.25 4.68 -18.00
C LYS A 152 -18.10 5.26 -17.20
N PHE A 153 -17.45 6.28 -17.76
CA PHE A 153 -16.40 7.02 -17.09
C PHE A 153 -16.79 8.49 -16.97
N GLY A 154 -16.53 9.09 -15.81
CA GLY A 154 -16.78 10.52 -15.71
C GLY A 154 -16.30 11.04 -14.38
N SER A 155 -16.39 12.35 -14.21
CA SER A 155 -16.08 12.96 -12.94
C SER A 155 -16.97 12.38 -11.83
N TRP A 156 -16.39 12.19 -10.66
CA TRP A 156 -17.18 11.72 -9.53
C TRP A 156 -17.93 12.89 -8.86
N VAL A 157 -17.30 14.05 -8.79
CA VAL A 157 -17.85 15.16 -7.99
C VAL A 157 -18.19 16.44 -8.79
N TYR A 158 -17.78 16.51 -10.06
CA TYR A 158 -18.06 17.71 -10.87
C TYR A 158 -19.16 17.47 -11.91
N SER A 159 -20.18 18.35 -11.94
CA SER A 159 -21.22 18.24 -12.95
C SER A 159 -20.75 18.77 -14.30
N GLY A 160 -21.63 18.67 -15.29
CA GLY A 160 -21.40 19.23 -16.62
C GLY A 160 -21.20 20.74 -16.63
N PHE A 161 -21.58 21.42 -15.54
CA PHE A 161 -21.32 22.85 -15.39
C PHE A 161 -19.88 23.18 -15.03
N GLU A 162 -19.14 22.20 -14.52
CA GLU A 162 -17.76 22.45 -14.11
C GLU A 162 -16.78 21.77 -15.06
N ILE A 163 -17.12 20.56 -15.45
CA ILE A 163 -16.28 19.76 -16.32
C ILE A 163 -17.13 19.20 -17.44
N ASP A 164 -16.87 19.62 -18.66
CA ASP A 164 -17.45 18.95 -19.81
C ASP A 164 -16.50 17.84 -20.23
N LEU A 165 -17.07 16.78 -20.79
CA LEU A 165 -16.30 15.71 -21.42
C LEU A 165 -16.57 15.64 -22.91
N LYS A 166 -15.57 15.19 -23.64
CA LYS A 166 -15.77 14.89 -25.04
C LYS A 166 -14.76 13.89 -25.51
N THR A 167 -14.99 13.36 -26.70
CA THR A 167 -14.05 12.46 -27.34
C THR A 167 -13.69 13.05 -28.71
N ASP A 168 -12.50 12.72 -29.20
CA ASP A 168 -12.08 13.08 -30.55
C ASP A 168 -12.74 12.16 -31.59
N THR A 169 -12.96 10.91 -31.21
CA THR A 169 -13.61 9.93 -32.07
C THR A 169 -14.44 8.99 -31.19
N ASP A 170 -15.48 8.38 -31.74
CA ASP A 170 -16.25 7.44 -30.92
C ASP A 170 -15.72 6.01 -31.11
N GLN A 171 -14.65 5.87 -31.87
CA GLN A 171 -14.00 4.57 -32.04
C GLN A 171 -12.85 4.38 -31.06
N VAL A 172 -12.97 3.39 -30.19
CA VAL A 172 -11.87 3.04 -29.30
C VAL A 172 -10.63 2.66 -30.12
N ASP A 173 -9.46 3.14 -29.73
CA ASP A 173 -8.24 2.75 -30.44
C ASP A 173 -7.87 1.27 -30.15
N LEU A 174 -7.98 0.44 -31.18
CA LEU A 174 -7.66 -0.99 -31.06
C LEU A 174 -6.32 -1.37 -31.69
N SER A 175 -5.54 -0.39 -32.15
CA SER A 175 -4.32 -0.70 -32.89
C SER A 175 -3.21 -1.31 -32.01
N SER A 176 -3.35 -1.23 -30.69
CA SER A 176 -2.41 -1.87 -29.78
C SER A 176 -3.03 -3.03 -29.00
N TYR A 177 -4.17 -3.54 -29.48
CA TYR A 177 -4.84 -4.63 -28.78
C TYR A 177 -4.04 -5.92 -28.92
N TYR A 178 -3.86 -6.63 -27.81
CA TYR A 178 -3.01 -7.82 -27.77
C TYR A 178 -3.49 -8.92 -28.72
N ALA A 179 -2.68 -9.21 -29.73
CA ALA A 179 -3.07 -10.08 -30.83
C ALA A 179 -3.32 -11.51 -30.39
N SER A 180 -2.73 -11.92 -29.25
CA SER A 180 -2.92 -13.28 -28.72
C SER A 180 -3.70 -13.29 -27.41
N SER A 181 -4.55 -12.28 -27.21
CA SER A 181 -5.45 -12.28 -26.07
C SER A 181 -6.38 -13.48 -26.13
N LYS A 182 -6.86 -13.94 -24.97
CA LYS A 182 -7.89 -14.99 -24.95
C LYS A 182 -9.19 -14.50 -25.61
N TYR A 183 -9.36 -13.18 -25.66
CA TYR A 183 -10.57 -12.62 -26.25
C TYR A 183 -10.27 -11.68 -27.41
N GLU A 184 -11.08 -11.78 -28.46
CA GLU A 184 -10.94 -10.87 -29.58
C GLU A 184 -12.04 -9.81 -29.50
N ILE A 185 -11.73 -8.61 -29.98
CA ILE A 185 -12.69 -7.52 -29.94
C ILE A 185 -13.46 -7.45 -31.24
N LEU A 186 -14.78 -7.55 -31.16
CA LEU A 186 -15.63 -7.40 -32.35
C LEU A 186 -15.91 -5.92 -32.61
N SER A 187 -16.10 -5.17 -31.53
CA SER A 187 -16.25 -3.72 -31.65
C SER A 187 -15.99 -3.08 -30.29
N ALA A 188 -15.53 -1.84 -30.33
CA ALA A 188 -15.31 -1.04 -29.12
C ALA A 188 -15.54 0.42 -29.43
N THR A 189 -16.52 1.01 -28.74
CA THR A 189 -16.87 2.42 -28.94
C THR A 189 -16.83 3.21 -27.63
N GLN A 190 -16.60 4.51 -27.75
CA GLN A 190 -16.56 5.43 -26.61
C GLN A 190 -17.44 6.63 -26.93
N THR A 191 -18.53 6.79 -26.21
CA THR A 191 -19.56 7.73 -26.62
C THR A 191 -19.95 8.65 -25.48
N ARG A 192 -19.85 9.94 -25.73
CA ARG A 192 -20.26 10.95 -24.76
C ARG A 192 -21.76 10.83 -24.52
N GLN A 193 -22.15 10.80 -23.25
CA GLN A 193 -23.57 10.81 -22.89
C GLN A 193 -23.89 11.96 -21.94
N VAL A 194 -24.98 12.66 -22.20
CA VAL A 194 -25.46 13.67 -21.28
C VAL A 194 -26.68 13.11 -20.57
N GLN A 195 -26.74 13.30 -19.27
CA GLN A 195 -27.90 12.85 -18.53
C GLN A 195 -28.48 14.00 -17.72
N HIS A 196 -29.79 14.21 -17.87
CA HIS A 196 -30.49 15.27 -17.14
C HIS A 196 -31.38 14.64 -16.09
N TYR A 197 -31.71 15.39 -15.05
CA TYR A 197 -32.62 14.90 -14.02
C TYR A 197 -33.61 15.98 -13.61
N SER A 198 -34.84 15.57 -13.32
CA SER A 198 -35.91 16.51 -13.02
C SER A 198 -35.64 17.30 -11.73
N CYS A 199 -35.01 16.65 -10.76
CA CYS A 199 -34.65 17.29 -9.51
C CYS A 199 -33.68 18.45 -9.73
N CYS A 200 -32.57 18.14 -10.38
CA CYS A 200 -31.41 19.03 -10.42
C CYS A 200 -31.29 19.75 -11.76
N PRO A 201 -30.86 21.01 -11.72
CA PRO A 201 -30.71 21.81 -12.95
C PRO A 201 -29.45 21.47 -13.74
N GLU A 202 -28.50 20.76 -13.12
CA GLU A 202 -27.21 20.52 -13.75
C GLU A 202 -27.16 19.21 -14.54
N PRO A 203 -26.58 19.27 -15.74
CA PRO A 203 -26.42 18.07 -16.55
C PRO A 203 -25.22 17.25 -16.05
N TYR A 204 -25.27 15.95 -16.28
CA TYR A 204 -24.16 15.08 -15.89
C TYR A 204 -23.59 14.37 -17.11
N ILE A 205 -22.27 14.38 -17.24
CA ILE A 205 -21.62 13.88 -18.45
C ILE A 205 -20.81 12.65 -18.15
N ASP A 206 -20.86 11.69 -19.07
CA ASP A 206 -19.96 10.56 -18.99
C ASP A 206 -19.57 10.11 -20.40
N VAL A 207 -18.51 9.31 -20.47
CA VAL A 207 -18.15 8.61 -21.69
C VAL A 207 -18.41 7.12 -21.47
N ASN A 208 -19.24 6.55 -22.34
CA ASN A 208 -19.67 5.18 -22.20
C ASN A 208 -18.82 4.28 -23.08
N LEU A 209 -18.03 3.42 -22.43
CA LEU A 209 -17.19 2.48 -23.13
C LEU A 209 -17.99 1.20 -23.35
N VAL A 210 -18.22 0.84 -24.62
CA VAL A 210 -18.97 -0.37 -24.97
C VAL A 210 -18.13 -1.36 -25.75
N VAL A 211 -17.94 -2.55 -25.20
CA VAL A 211 -17.04 -3.52 -25.80
C VAL A 211 -17.81 -4.79 -26.15
N LYS A 212 -17.71 -5.21 -27.41
CA LYS A 212 -18.28 -6.49 -27.82
C LYS A 212 -17.12 -7.43 -28.08
N PHE A 213 -17.14 -8.59 -27.43
CA PHE A 213 -15.97 -9.47 -27.48
C PHE A 213 -16.38 -10.94 -27.49
N ARG A 214 -15.44 -11.77 -27.88
CA ARG A 214 -15.74 -13.16 -28.22
C ARG A 214 -14.52 -14.00 -27.90
N GLU A 215 -14.71 -15.24 -27.47
CA GLU A 215 -13.56 -16.13 -27.28
C GLU A 215 -12.81 -16.26 -28.60
N ARG A 216 -11.49 -16.24 -28.55
CA ARG A 216 -10.71 -16.26 -29.78
C ARG A 216 -10.64 -17.66 -30.39
N ASP B 1 44.43 3.72 16.38
CA ASP B 1 44.71 4.84 17.27
C ASP B 1 43.73 6.00 17.05
N TYR B 2 43.93 7.09 17.79
CA TYR B 2 43.09 8.27 17.64
C TYR B 2 43.04 8.74 16.18
N LYS B 3 44.16 8.67 15.48
CA LYS B 3 44.19 9.13 14.09
C LYS B 3 43.26 8.31 13.19
N ASP B 4 43.23 7.00 13.37
CA ASP B 4 42.30 6.13 12.63
C ASP B 4 40.84 6.48 12.91
N ASP B 5 40.55 6.72 14.19
CA ASP B 5 39.21 7.14 14.61
C ASP B 5 38.82 8.47 13.97
N ASP B 6 39.78 9.39 13.91
CA ASP B 6 39.50 10.71 13.38
C ASP B 6 39.29 10.65 11.87
N ASP B 7 40.07 9.81 11.19
CA ASP B 7 39.90 9.58 9.76
C ASP B 7 38.47 9.13 9.42
N LYS B 8 37.94 8.16 10.17
CA LYS B 8 36.56 7.71 9.96
C LYS B 8 35.55 8.84 10.15
N LEU B 9 35.74 9.67 11.17
CA LEU B 9 34.84 10.81 11.38
C LEU B 9 34.91 11.75 10.20
N HIS B 10 36.12 12.03 9.74
CA HIS B 10 36.34 12.88 8.58
C HIS B 10 35.67 12.32 7.33
N SER B 11 35.77 11.02 7.15
CA SER B 11 35.20 10.38 5.97
C SER B 11 33.68 10.54 5.97
N GLN B 12 33.07 10.37 7.15
CA GLN B 12 31.64 10.57 7.29
C GLN B 12 31.25 12.02 7.00
N ALA B 13 32.02 12.94 7.56
CA ALA B 13 31.76 14.36 7.35
C ALA B 13 31.90 14.74 5.89
N ASN B 14 32.88 14.16 5.20
CA ASN B 14 33.09 14.41 3.78
C ASN B 14 31.91 13.94 2.95
N LEU B 15 31.37 12.76 3.29
CA LEU B 15 30.22 12.23 2.57
C LEU B 15 28.98 13.11 2.77
N MET B 16 28.70 13.48 4.01
CA MET B 16 27.58 14.37 4.32
C MET B 16 27.69 15.69 3.56
N ARG B 17 28.89 16.21 3.46
CA ARG B 17 29.14 17.47 2.77
C ARG B 17 28.96 17.32 1.25
N LEU B 18 29.45 16.22 0.68
CA LEU B 18 29.26 15.94 -0.74
C LEU B 18 27.77 15.86 -1.10
N LYS B 19 27.01 15.09 -0.32
CA LYS B 19 25.59 14.90 -0.59
C LYS B 19 24.81 16.21 -0.37
N SER B 20 25.26 17.00 0.60
CA SER B 20 24.68 18.31 0.85
C SER B 20 24.91 19.26 -0.33
N ASP B 21 26.16 19.39 -0.76
CA ASP B 21 26.48 20.22 -1.92
C ASP B 21 25.72 19.81 -3.18
N LEU B 22 25.59 18.51 -3.39
CA LEU B 22 24.95 17.99 -4.60
C LEU B 22 23.43 18.18 -4.59
N PHE B 23 22.81 17.88 -3.45
CA PHE B 23 21.36 17.81 -3.38
C PHE B 23 20.71 19.13 -2.97
N ASN B 24 20.89 19.55 -1.72
CA ASN B 24 20.12 20.70 -1.22
C ASN B 24 20.83 22.06 -1.37
N ARG B 25 22.03 22.06 -1.94
CA ARG B 25 22.59 23.32 -2.44
C ARG B 25 21.99 23.56 -3.83
N SER B 26 21.80 22.48 -4.57
CA SER B 26 21.19 22.52 -5.90
C SER B 26 19.89 21.71 -5.96
N TYR B 29 17.59 18.00 -10.63
CA TYR B 29 17.57 17.80 -12.08
C TYR B 29 16.12 17.66 -12.52
N PRO B 30 15.68 18.57 -13.41
CA PRO B 30 14.29 18.67 -13.83
C PRO B 30 13.93 17.67 -14.92
N GLY B 31 14.88 16.79 -15.25
CA GLY B 31 14.66 15.81 -16.29
C GLY B 31 15.24 16.24 -17.62
N PRO B 32 15.31 15.30 -18.57
CA PRO B 32 15.86 15.64 -19.90
C PRO B 32 14.91 16.49 -20.73
N THR B 33 15.47 17.14 -21.76
CA THR B 33 14.74 18.04 -22.63
C THR B 33 15.23 17.83 -24.06
N LYS B 34 14.53 18.41 -25.03
CA LYS B 34 14.93 18.28 -26.43
C LYS B 34 16.33 18.85 -26.63
N ASP B 35 16.67 19.86 -25.81
CA ASP B 35 17.96 20.53 -25.90
C ASP B 35 19.00 19.88 -24.99
N ASP B 36 18.58 18.84 -24.29
CA ASP B 36 19.42 18.21 -23.29
C ASP B 36 19.02 16.74 -23.15
N PRO B 37 19.08 15.99 -24.26
CA PRO B 37 18.57 14.62 -24.25
C PRO B 37 19.45 13.70 -23.43
N LEU B 38 18.87 12.63 -22.90
CA LEU B 38 19.60 11.74 -22.03
C LEU B 38 19.55 10.32 -22.60
N THR B 39 20.66 9.61 -22.52
CA THR B 39 20.69 8.23 -22.94
C THR B 39 20.72 7.30 -21.74
N VAL B 40 19.68 6.48 -21.62
CA VAL B 40 19.63 5.49 -20.55
C VAL B 40 20.03 4.13 -21.10
N THR B 41 21.05 3.52 -20.50
CA THR B 41 21.39 2.14 -20.83
C THR B 41 20.58 1.16 -20.00
N LEU B 42 19.98 0.17 -20.66
CA LEU B 42 19.20 -0.87 -20.00
C LEU B 42 19.78 -2.24 -20.28
N GLY B 43 19.78 -3.10 -19.26
CA GLY B 43 20.11 -4.49 -19.42
C GLY B 43 19.27 -5.33 -18.47
N PHE B 44 18.90 -6.53 -18.90
CA PHE B 44 18.13 -7.41 -18.06
C PHE B 44 18.91 -8.63 -17.60
N THR B 45 18.71 -9.00 -16.34
CA THR B 45 19.17 -10.28 -15.81
C THR B 45 17.92 -11.05 -15.41
N LEU B 46 17.63 -12.12 -16.16
CA LEU B 46 16.40 -12.89 -15.93
C LEU B 46 16.68 -13.98 -14.91
N GLN B 47 15.94 -13.94 -13.80
CA GLN B 47 16.13 -14.91 -12.73
C GLN B 47 15.18 -16.12 -12.80
N ASP B 48 13.94 -15.90 -13.25
CA ASP B 48 12.94 -16.95 -13.18
C ASP B 48 11.69 -16.60 -13.97
N ILE B 49 11.17 -17.58 -14.69
CA ILE B 49 9.81 -17.53 -15.19
C ILE B 49 9.02 -18.30 -14.15
N VAL B 50 8.26 -17.58 -13.34
CA VAL B 50 7.60 -18.19 -12.19
C VAL B 50 6.36 -18.95 -12.60
N LYS B 51 5.60 -18.35 -13.50
CA LYS B 51 4.25 -18.80 -13.75
C LYS B 51 3.83 -18.47 -15.17
N ALA B 52 3.17 -19.41 -15.84
CA ALA B 52 2.62 -19.13 -17.17
C ALA B 52 1.17 -19.55 -17.17
N ASP B 53 0.27 -18.57 -17.21
CA ASP B 53 -1.15 -18.83 -17.01
C ASP B 53 -1.86 -18.91 -18.36
N SER B 54 -2.22 -20.12 -18.80
CA SER B 54 -2.85 -20.29 -20.10
C SER B 54 -4.33 -19.94 -20.07
N SER B 55 -4.88 -19.74 -18.88
CA SER B 55 -6.28 -19.34 -18.80
C SER B 55 -6.45 -17.83 -19.02
N THR B 56 -5.40 -17.04 -18.77
CA THR B 56 -5.49 -15.59 -18.98
C THR B 56 -4.43 -15.04 -19.93
N ASN B 57 -3.52 -15.91 -20.39
CA ASN B 57 -2.35 -15.51 -21.17
C ASN B 57 -1.57 -14.37 -20.49
N GLU B 58 -1.19 -14.64 -19.26
CA GLU B 58 -0.26 -13.81 -18.50
C GLU B 58 0.89 -14.70 -18.07
N VAL B 59 2.10 -14.19 -18.21
CA VAL B 59 3.27 -14.90 -17.71
C VAL B 59 3.96 -13.99 -16.71
N ASP B 60 4.50 -14.59 -15.66
CA ASP B 60 5.15 -13.81 -14.60
C ASP B 60 6.64 -14.02 -14.61
N LEU B 61 7.39 -12.92 -14.67
CA LEU B 61 8.85 -12.96 -14.64
C LEU B 61 9.43 -12.36 -13.36
N VAL B 62 10.59 -12.87 -12.95
CA VAL B 62 11.44 -12.19 -11.95
C VAL B 62 12.79 -11.91 -12.61
N TYR B 63 13.22 -10.66 -12.53
CA TYR B 63 14.46 -10.23 -13.20
C TYR B 63 14.99 -9.02 -12.47
N TYR B 64 16.23 -8.65 -12.72
CA TYR B 64 16.55 -7.30 -12.33
C TYR B 64 17.04 -6.52 -13.52
N GLU B 65 16.71 -5.24 -13.44
CA GLU B 65 16.80 -4.37 -14.57
C GLU B 65 17.86 -3.33 -14.26
N GLN B 66 19.02 -3.43 -14.90
CA GLN B 66 20.08 -2.47 -14.66
C GLN B 66 19.85 -1.22 -15.49
N GLN B 67 19.82 -0.07 -14.83
CA GLN B 67 19.63 1.21 -15.50
C GLN B 67 20.86 2.05 -15.27
N ARG B 68 21.35 2.72 -16.31
CA ARG B 68 22.51 3.58 -16.15
C ARG B 68 22.36 4.85 -16.99
N TRP B 69 22.71 5.99 -16.38
CA TRP B 69 22.70 7.26 -17.07
C TRP B 69 23.76 8.16 -16.42
N LYS B 70 23.96 9.34 -16.99
CA LYS B 70 25.06 10.20 -16.57
C LYS B 70 24.63 11.67 -16.63
N LEU B 71 24.76 12.36 -15.50
CA LEU B 71 24.36 13.77 -15.40
C LEU B 71 25.54 14.65 -15.01
N ASN B 72 25.77 15.72 -15.78
CA ASN B 72 26.81 16.68 -15.42
C ASN B 72 26.60 17.22 -14.00
N SER B 73 25.35 17.41 -13.60
CA SER B 73 25.03 17.99 -12.30
C SER B 73 25.32 17.05 -11.13
N LEU B 74 25.67 15.80 -11.40
CA LEU B 74 26.04 14.88 -10.31
C LEU B 74 27.55 14.63 -10.26
N MET B 75 28.32 15.41 -11.03
CA MET B 75 29.78 15.28 -11.02
C MET B 75 30.41 15.96 -9.82
N TRP B 76 31.52 15.43 -9.35
CA TRP B 76 32.33 16.13 -8.36
C TRP B 76 33.79 15.71 -8.48
N ASP B 77 34.65 16.55 -7.94
CA ASP B 77 36.07 16.27 -7.87
C ASP B 77 36.34 15.49 -6.59
N PRO B 78 36.75 14.23 -6.70
CA PRO B 78 37.00 13.42 -5.49
C PRO B 78 37.99 14.11 -4.53
N ASN B 79 39.02 14.75 -5.08
CA ASN B 79 40.03 15.43 -4.27
C ASN B 79 39.45 16.52 -3.37
N GLU B 80 38.29 17.04 -3.72
CA GLU B 80 37.63 18.03 -2.89
C GLU B 80 36.77 17.39 -1.79
N TYR B 81 36.76 16.06 -1.73
CA TYR B 81 35.90 15.35 -0.79
C TYR B 81 36.51 14.09 -0.19
N GLY B 82 37.80 14.15 0.14
CA GLY B 82 38.45 13.02 0.80
C GLY B 82 38.59 11.79 -0.06
N ASN B 83 38.72 11.98 -1.37
CA ASN B 83 38.87 10.88 -2.32
C ASN B 83 37.64 9.97 -2.39
N ILE B 84 36.47 10.51 -2.07
CA ILE B 84 35.23 9.79 -2.29
C ILE B 84 34.95 9.73 -3.79
N THR B 85 34.83 8.51 -4.33
CA THR B 85 34.66 8.32 -5.77
C THR B 85 33.22 7.90 -6.13
N ASP B 86 32.46 7.44 -5.14
CA ASP B 86 31.04 7.14 -5.35
C ASP B 86 30.33 7.06 -4.01
N PHE B 87 28.99 7.11 -4.06
CA PHE B 87 28.20 6.92 -2.85
C PHE B 87 26.85 6.26 -3.17
N ARG B 88 26.30 5.58 -2.17
CA ARG B 88 24.97 4.99 -2.23
C ARG B 88 23.97 6.03 -1.75
N THR B 89 22.81 6.10 -2.40
CA THR B 89 21.78 7.02 -1.95
C THR B 89 20.39 6.51 -2.33
N SER B 90 19.41 6.91 -1.52
CA SER B 90 18.01 6.57 -1.80
C SER B 90 17.61 7.06 -3.18
N ALA B 91 16.96 6.20 -3.95
CA ALA B 91 16.54 6.56 -5.30
C ALA B 91 15.60 7.76 -5.31
N ALA B 92 15.03 8.07 -4.15
CA ALA B 92 14.14 9.22 -4.02
C ALA B 92 14.92 10.54 -3.92
N ASP B 93 16.22 10.46 -3.67
CA ASP B 93 17.05 11.65 -3.59
C ASP B 93 17.37 12.25 -4.96
N ILE B 94 17.22 11.43 -6.01
CA ILE B 94 17.65 11.81 -7.35
C ILE B 94 16.57 11.57 -8.39
N TRP B 95 16.72 12.19 -9.56
CA TRP B 95 15.88 11.89 -10.70
C TRP B 95 16.17 10.47 -11.16
N THR B 96 15.11 9.72 -11.50
CA THR B 96 15.30 8.40 -12.12
C THR B 96 14.39 8.27 -13.34
N PRO B 97 14.83 7.51 -14.35
CA PRO B 97 14.01 7.42 -15.56
C PRO B 97 12.72 6.62 -15.34
N ASP B 98 11.64 6.98 -16.05
CA ASP B 98 10.34 6.33 -15.88
C ASP B 98 10.22 5.13 -16.82
N ILE B 99 11.19 4.22 -16.74
CA ILE B 99 11.20 3.04 -17.58
C ILE B 99 10.05 2.13 -17.18
N THR B 100 9.17 1.83 -18.13
CA THR B 100 7.90 1.14 -17.87
C THR B 100 7.72 0.01 -18.87
N ALA B 101 7.20 -1.14 -18.41
CA ALA B 101 6.80 -2.20 -19.34
C ALA B 101 5.51 -1.80 -20.05
N TYR B 102 5.45 -1.99 -21.37
CA TYR B 102 4.33 -1.47 -22.15
C TYR B 102 3.13 -2.41 -22.17
N SER B 103 3.31 -3.66 -21.76
CA SER B 103 2.20 -4.62 -21.78
C SER B 103 2.07 -5.41 -20.49
N SER B 104 2.37 -4.77 -19.36
CA SER B 104 2.11 -5.39 -18.06
C SER B 104 0.60 -5.53 -17.87
N THR B 105 0.18 -6.50 -17.05
CA THR B 105 -1.24 -6.68 -16.75
C THR B 105 -1.55 -6.46 -15.27
N ARG B 106 -0.49 -6.25 -14.50
CA ARG B 106 -0.57 -5.89 -13.08
CA ARG B 106 -0.59 -5.86 -13.09
C ARG B 106 0.55 -4.92 -12.73
N PRO B 107 0.38 -4.12 -11.66
CA PRO B 107 1.50 -3.24 -11.32
C PRO B 107 2.76 -4.06 -11.00
N VAL B 108 3.92 -3.61 -11.47
CA VAL B 108 5.15 -4.32 -11.18
CA VAL B 108 5.17 -4.29 -11.18
C VAL B 108 5.39 -4.32 -9.66
N GLN B 109 5.94 -5.41 -9.15
CA GLN B 109 6.24 -5.48 -7.72
C GLN B 109 7.73 -5.40 -7.54
N VAL B 110 8.17 -4.52 -6.66
CA VAL B 110 9.60 -4.28 -6.49
C VAL B 110 10.14 -5.22 -5.42
N LEU B 111 11.25 -5.90 -5.73
CA LEU B 111 11.78 -6.92 -4.84
C LEU B 111 13.08 -6.49 -4.14
N SER B 112 13.61 -5.33 -4.51
CA SER B 112 14.86 -4.85 -3.92
C SER B 112 14.76 -3.41 -3.39
N PRO B 113 15.67 -3.05 -2.47
CA PRO B 113 15.84 -1.70 -1.92
C PRO B 113 15.93 -0.65 -3.01
N GLN B 114 15.15 0.42 -2.89
CA GLN B 114 15.25 1.47 -3.90
C GLN B 114 16.41 2.42 -3.55
N ILE B 115 17.62 1.95 -3.82
CA ILE B 115 18.86 2.67 -3.58
C ILE B 115 19.71 2.66 -4.85
N ALA B 116 20.36 3.79 -5.14
CA ALA B 116 21.19 3.91 -6.34
C ALA B 116 22.65 4.15 -5.99
N VAL B 117 23.53 3.90 -6.94
CA VAL B 117 24.94 4.22 -6.77
C VAL B 117 25.34 5.37 -7.70
N VAL B 118 25.86 6.45 -7.12
CA VAL B 118 26.27 7.64 -7.86
C VAL B 118 27.80 7.70 -7.86
N THR B 119 28.38 7.90 -9.04
CA THR B 119 29.85 7.94 -9.17
C THR B 119 30.30 9.34 -9.56
N HIS B 120 31.56 9.66 -9.28
CA HIS B 120 32.05 11.03 -9.40
C HIS B 120 32.01 11.58 -10.83
N ASP B 121 31.99 10.71 -11.84
CA ASP B 121 31.86 11.21 -13.22
C ASP B 121 30.41 11.62 -13.51
N GLY B 122 29.56 11.55 -12.49
CA GLY B 122 28.15 11.89 -12.62
C GLY B 122 27.29 10.72 -13.10
N SER B 123 27.88 9.54 -13.24
CA SER B 123 27.10 8.39 -13.70
C SER B 123 26.33 7.76 -12.54
N VAL B 124 25.13 7.30 -12.85
CA VAL B 124 24.23 6.70 -11.86
C VAL B 124 23.92 5.27 -12.28
N MET B 125 23.95 4.35 -11.34
CA MET B 125 23.52 2.99 -11.64
C MET B 125 22.43 2.56 -10.67
N PHE B 126 21.35 2.02 -11.21
CA PHE B 126 20.18 1.65 -10.42
C PHE B 126 19.67 0.31 -10.92
N ILE B 127 19.48 -0.64 -10.02
CA ILE B 127 19.22 -2.02 -10.42
C ILE B 127 18.03 -2.60 -9.65
N PRO B 128 16.82 -2.17 -10.01
CA PRO B 128 15.65 -2.68 -9.32
C PRO B 128 15.36 -4.13 -9.73
N ALA B 129 15.15 -4.99 -8.74
CA ALA B 129 14.62 -6.32 -8.99
C ALA B 129 13.09 -6.24 -8.99
N GLN B 130 12.44 -6.96 -9.91
CA GLN B 130 11.01 -6.80 -10.13
C GLN B 130 10.33 -8.15 -10.41
N ARG B 131 9.09 -8.29 -9.96
CA ARG B 131 8.20 -9.33 -10.47
C ARG B 131 7.16 -8.68 -11.37
N LEU B 132 7.08 -9.18 -12.60
CA LEU B 132 6.22 -8.60 -13.63
C LEU B 132 5.25 -9.63 -14.20
N SER B 133 3.96 -9.29 -14.23
CA SER B 133 2.98 -10.04 -15.03
C SER B 133 2.77 -9.30 -16.37
N PHE B 134 2.88 -10.00 -17.49
CA PHE B 134 2.74 -9.34 -18.77
C PHE B 134 2.01 -10.25 -19.78
N MET B 135 1.55 -9.65 -20.87
CA MET B 135 0.72 -10.34 -21.85
C MET B 135 1.55 -11.35 -22.63
N CYS B 136 1.12 -12.61 -22.59
CA CYS B 136 1.92 -13.68 -23.14
C CYS B 136 1.11 -14.97 -23.26
N ASP B 137 0.99 -15.44 -24.49
CA ASP B 137 0.33 -16.71 -24.81
C ASP B 137 1.37 -17.81 -24.68
N PRO B 138 1.26 -18.63 -23.64
CA PRO B 138 2.27 -19.66 -23.44
C PRO B 138 1.99 -20.93 -24.24
N THR B 139 1.08 -20.84 -25.21
CA THR B 139 0.83 -21.98 -26.10
C THR B 139 2.14 -22.41 -26.74
N GLY B 140 2.48 -23.68 -26.57
CA GLY B 140 3.73 -24.19 -27.11
C GLY B 140 4.78 -24.44 -26.04
N VAL B 141 4.48 -24.02 -24.82
CA VAL B 141 5.43 -24.17 -23.74
C VAL B 141 5.71 -25.65 -23.47
N ASP B 142 4.72 -26.49 -23.82
CA ASP B 142 4.87 -27.95 -23.69
C ASP B 142 5.34 -28.55 -25.01
N SER B 143 6.32 -27.90 -25.62
CA SER B 143 6.85 -28.35 -26.90
C SER B 143 8.36 -28.14 -26.93
N GLU B 144 9.03 -28.83 -27.83
CA GLU B 144 10.49 -28.76 -27.88
C GLU B 144 10.99 -27.36 -28.19
N GLU B 145 10.27 -26.65 -29.06
CA GLU B 145 10.67 -25.28 -29.43
C GLU B 145 10.09 -24.23 -28.47
N GLY B 146 9.18 -24.65 -27.60
CA GLY B 146 8.67 -23.82 -26.52
C GLY B 146 7.73 -22.73 -26.97
N ALA B 147 7.39 -21.84 -26.05
CA ALA B 147 6.58 -20.66 -26.35
C ALA B 147 7.48 -19.44 -26.56
N THR B 148 6.97 -18.43 -27.25
CA THR B 148 7.72 -17.19 -27.42
C THR B 148 6.88 -16.01 -26.97
N CYS B 149 7.43 -15.20 -26.07
CA CYS B 149 6.73 -13.99 -25.66
C CYS B 149 7.65 -12.78 -25.66
N ALA B 150 7.06 -11.59 -25.76
CA ALA B 150 7.84 -10.38 -25.84
C ALA B 150 7.19 -9.29 -25.01
N VAL B 151 8.01 -8.39 -24.49
CA VAL B 151 7.50 -7.23 -23.78
C VAL B 151 8.48 -6.09 -23.96
N LYS B 152 7.92 -4.94 -24.35
CA LYS B 152 8.70 -3.72 -24.58
C LYS B 152 8.81 -2.89 -23.32
N PHE B 153 10.00 -2.33 -23.11
CA PHE B 153 10.29 -1.42 -22.01
C PHE B 153 10.74 -0.07 -22.55
N GLY B 154 10.26 1.01 -21.96
CA GLY B 154 10.75 2.33 -22.33
C GLY B 154 10.10 3.41 -21.49
N SER B 155 10.52 4.65 -21.72
CA SER B 155 9.89 5.77 -21.03
C SER B 155 8.40 5.82 -21.34
N TRP B 156 7.60 6.17 -20.34
CA TRP B 156 6.16 6.36 -20.58
C TRP B 156 5.87 7.74 -21.17
N VAL B 157 6.60 8.77 -20.75
CA VAL B 157 6.20 10.13 -21.07
C VAL B 157 7.22 10.91 -21.90
N TYR B 158 8.43 10.40 -22.02
CA TYR B 158 9.46 11.07 -22.84
C TYR B 158 9.64 10.38 -24.18
N SER B 159 9.65 11.16 -25.25
CA SER B 159 9.90 10.60 -26.58
C SER B 159 11.39 10.41 -26.79
N GLY B 160 11.75 9.85 -27.94
CA GLY B 160 13.14 9.75 -28.35
C GLY B 160 13.84 11.11 -28.49
N PHE B 161 13.09 12.20 -28.45
CA PHE B 161 13.68 13.54 -28.42
C PHE B 161 14.34 13.83 -27.07
N GLU B 162 13.82 13.23 -26.00
CA GLU B 162 14.32 13.57 -24.67
C GLU B 162 15.08 12.41 -24.03
N ILE B 163 14.58 11.19 -24.21
CA ILE B 163 15.25 10.01 -23.67
C ILE B 163 15.55 9.03 -24.78
N ASP B 164 16.83 8.72 -24.96
CA ASP B 164 17.23 7.66 -25.86
C ASP B 164 17.56 6.46 -25.00
N LEU B 165 17.50 5.26 -25.57
CA LEU B 165 17.87 4.03 -24.85
C LEU B 165 19.00 3.35 -25.58
N LYS B 166 19.81 2.59 -24.85
CA LYS B 166 20.76 1.72 -25.51
C LYS B 166 20.93 0.47 -24.68
N THR B 167 21.50 -0.57 -25.30
CA THR B 167 21.91 -1.77 -24.60
C THR B 167 23.42 -1.93 -24.76
N ASP B 168 24.06 -2.65 -23.83
CA ASP B 168 25.49 -2.98 -23.97
C ASP B 168 25.64 -4.29 -24.74
N THR B 169 24.56 -5.05 -24.78
CA THR B 169 24.54 -6.35 -25.45
C THR B 169 23.10 -6.69 -25.75
N ASP B 170 22.84 -7.53 -26.73
CA ASP B 170 21.46 -7.91 -27.01
C ASP B 170 21.13 -9.24 -26.35
N GLN B 171 22.09 -9.76 -25.59
CA GLN B 171 21.91 -11.00 -24.85
C GLN B 171 21.46 -10.70 -23.42
N VAL B 172 20.28 -11.18 -23.06
CA VAL B 172 19.82 -11.11 -21.68
C VAL B 172 20.77 -11.95 -20.82
N ASP B 173 21.15 -11.44 -19.65
CA ASP B 173 22.03 -12.19 -18.75
C ASP B 173 21.26 -13.34 -18.07
N LEU B 174 21.67 -14.57 -18.37
CA LEU B 174 21.02 -15.77 -17.86
C LEU B 174 21.88 -16.52 -16.83
N SER B 175 22.98 -15.91 -16.41
CA SER B 175 23.91 -16.60 -15.52
C SER B 175 23.35 -16.77 -14.11
N SER B 176 22.27 -16.06 -13.78
CA SER B 176 21.60 -16.23 -12.50
C SER B 176 20.22 -16.87 -12.64
N TYR B 177 19.93 -17.46 -13.80
CA TYR B 177 18.59 -18.01 -14.00
C TYR B 177 18.41 -19.25 -13.13
N TYR B 178 17.24 -19.36 -12.51
CA TYR B 178 17.00 -20.40 -11.50
C TYR B 178 17.01 -21.81 -12.14
N ALA B 179 18.00 -22.61 -11.76
CA ALA B 179 18.24 -23.90 -12.38
C ALA B 179 17.05 -24.86 -12.25
N SER B 180 16.25 -24.70 -11.21
CA SER B 180 15.13 -25.61 -11.03
C SER B 180 13.78 -24.93 -11.25
N SER B 181 13.77 -23.87 -12.04
CA SER B 181 12.50 -23.29 -12.49
C SER B 181 11.62 -24.34 -13.15
N LYS B 182 10.30 -24.14 -13.08
CA LYS B 182 9.37 -24.92 -13.90
C LYS B 182 9.64 -24.78 -15.39
N TYR B 183 10.28 -23.68 -15.77
CA TYR B 183 10.52 -23.39 -17.19
C TYR B 183 11.99 -23.20 -17.48
N GLU B 184 12.47 -23.80 -18.57
CA GLU B 184 13.85 -23.59 -18.97
C GLU B 184 13.89 -22.58 -20.10
N ILE B 185 14.92 -21.75 -20.11
CA ILE B 185 15.08 -20.73 -21.13
C ILE B 185 15.78 -21.28 -22.37
N LEU B 186 15.17 -21.11 -23.54
CA LEU B 186 15.79 -21.49 -24.78
C LEU B 186 16.59 -20.32 -25.34
N SER B 187 16.04 -19.12 -25.20
CA SER B 187 16.78 -17.92 -25.54
C SER B 187 16.13 -16.68 -24.95
N ALA B 188 16.94 -15.66 -24.70
CA ALA B 188 16.42 -14.40 -24.16
C ALA B 188 17.24 -13.25 -24.72
N THR B 189 16.57 -12.35 -25.42
CA THR B 189 17.26 -11.24 -26.04
C THR B 189 16.62 -9.92 -25.66
N GLN B 190 17.40 -8.85 -25.78
CA GLN B 190 16.97 -7.49 -25.46
C GLN B 190 17.43 -6.56 -26.59
N THR B 191 16.48 -5.95 -27.30
CA THR B 191 16.80 -5.24 -28.55
C THR B 191 16.12 -3.87 -28.61
N ARG B 192 16.94 -2.83 -28.75
CA ARG B 192 16.45 -1.48 -28.96
C ARG B 192 15.65 -1.36 -30.27
N GLN B 193 14.54 -0.64 -30.20
CA GLN B 193 13.67 -0.43 -31.34
C GLN B 193 13.28 1.04 -31.38
N VAL B 194 13.08 1.55 -32.60
CA VAL B 194 12.53 2.88 -32.82
C VAL B 194 11.18 2.71 -33.51
N GLN B 195 10.11 3.22 -32.91
CA GLN B 195 8.78 3.04 -33.48
C GLN B 195 8.03 4.37 -33.63
N HIS B 196 6.76 4.27 -34.01
CA HIS B 196 5.89 5.44 -34.07
C HIS B 196 4.51 5.10 -33.52
N TYR B 197 3.77 6.13 -33.17
CA TYR B 197 2.39 5.96 -32.71
C TYR B 197 1.55 7.04 -33.36
N CYS B 199 0.63 10.04 -36.79
CA CYS B 199 0.05 10.62 -35.57
C CYS B 199 1.01 11.68 -35.00
N CYS B 200 2.22 11.25 -34.68
CA CYS B 200 3.14 12.04 -33.87
C CYS B 200 4.52 12.16 -34.54
N PRO B 201 5.10 13.37 -34.56
CA PRO B 201 6.39 13.57 -35.23
C PRO B 201 7.53 12.84 -34.52
N GLU B 202 7.46 12.84 -33.19
CA GLU B 202 8.53 12.30 -32.36
C GLU B 202 8.68 10.78 -32.52
N PRO B 203 9.93 10.32 -32.72
CA PRO B 203 10.16 8.88 -32.71
C PRO B 203 10.11 8.36 -31.28
N TYR B 204 9.72 7.11 -31.10
CA TYR B 204 9.67 6.55 -29.76
C TYR B 204 10.60 5.34 -29.64
N ILE B 205 11.31 5.25 -28.52
CA ILE B 205 12.33 4.23 -28.32
C ILE B 205 11.94 3.23 -27.23
N ASP B 206 12.16 1.95 -27.49
CA ASP B 206 11.94 0.95 -26.45
C ASP B 206 13.04 -0.10 -26.52
N VAL B 207 13.12 -0.94 -25.49
CA VAL B 207 13.95 -2.13 -25.56
C VAL B 207 13.02 -3.34 -25.47
N ASN B 208 13.09 -4.21 -26.47
CA ASN B 208 12.16 -5.33 -26.60
C ASN B 208 12.75 -6.59 -26.01
N LEU B 209 12.16 -7.08 -24.92
CA LEU B 209 12.64 -8.28 -24.26
C LEU B 209 11.88 -9.47 -24.84
N VAL B 210 12.59 -10.39 -25.49
CA VAL B 210 11.96 -11.54 -26.12
C VAL B 210 12.49 -12.80 -25.48
N VAL B 211 11.59 -13.62 -24.92
CA VAL B 211 12.00 -14.84 -24.25
C VAL B 211 11.39 -16.06 -24.90
N LYS B 212 12.20 -17.08 -25.11
CA LYS B 212 11.70 -18.35 -25.61
C LYS B 212 11.98 -19.38 -24.53
N PHE B 213 10.96 -20.12 -24.15
CA PHE B 213 11.03 -20.97 -22.98
C PHE B 213 10.11 -22.17 -23.14
N ARG B 214 10.40 -23.23 -22.39
CA ARG B 214 9.52 -24.39 -22.41
C ARG B 214 9.53 -25.03 -21.05
N GLU B 215 8.57 -25.91 -20.81
CA GLU B 215 8.47 -26.59 -19.53
C GLU B 215 9.65 -27.51 -19.26
N ARG B 216 10.07 -27.49 -18.00
CA ARG B 216 10.80 -28.55 -17.31
C ARG B 216 12.30 -28.35 -17.39
N LEU C 9 9.32 10.61 36.07
CA LEU C 9 9.34 11.77 35.18
C LEU C 9 10.77 12.15 34.81
N HIS C 10 11.70 11.90 35.73
CA HIS C 10 13.12 12.17 35.49
C HIS C 10 13.69 11.13 34.52
N SER C 11 13.31 9.86 34.71
CA SER C 11 13.74 8.82 33.78
C SER C 11 13.24 9.14 32.38
N GLN C 12 11.98 9.60 32.27
CA GLN C 12 11.43 10.01 30.99
C GLN C 12 12.22 11.17 30.37
N ALA C 13 12.54 12.16 31.21
CA ALA C 13 13.27 13.32 30.73
C ALA C 13 14.67 12.89 30.28
N ASN C 14 15.28 11.98 31.03
CA ASN C 14 16.59 11.46 30.68
C ASN C 14 16.57 10.73 29.32
N LEU C 15 15.57 9.88 29.09
CA LEU C 15 15.47 9.17 27.83
C LEU C 15 15.19 10.12 26.66
N MET C 16 14.30 11.09 26.86
CA MET C 16 14.04 12.04 25.79
C MET C 16 15.28 12.88 25.49
N ARG C 17 16.06 13.19 26.53
CA ARG C 17 17.30 13.95 26.32
C ARG C 17 18.32 13.14 25.53
N LEU C 18 18.49 11.87 25.91
CA LEU C 18 19.39 10.97 25.19
C LEU C 18 19.04 10.86 23.69
N LYS C 19 17.77 10.64 23.39
CA LYS C 19 17.35 10.48 22.00
C LYS C 19 17.54 11.79 21.24
N SER C 20 17.21 12.91 21.88
CA SER C 20 17.46 14.24 21.31
C SER C 20 18.95 14.51 21.05
N ASP C 21 19.82 14.17 22.02
CA ASP C 21 21.27 14.30 21.82
C ASP C 21 21.75 13.44 20.63
N LEU C 22 21.33 12.18 20.59
CA LEU C 22 21.80 11.26 19.55
C LEU C 22 21.27 11.63 18.16
N PHE C 23 20.01 12.06 18.11
CA PHE C 23 19.32 12.20 16.84
C PHE C 23 19.32 13.64 16.32
N ASN C 24 19.43 14.62 17.22
CA ASN C 24 19.49 16.03 16.84
C ASN C 24 20.88 16.67 17.00
N ARG C 25 21.52 16.45 18.16
CA ARG C 25 22.70 17.24 18.53
C ARG C 25 24.03 16.69 18.02
N SER C 26 23.96 15.60 17.26
CA SER C 26 25.12 15.14 16.51
C SER C 26 24.65 14.59 15.18
N PRO C 27 25.54 14.55 14.15
CA PRO C 27 25.22 13.89 12.88
C PRO C 27 24.83 12.43 13.10
N TYR C 29 25.13 9.53 10.73
CA TYR C 29 25.66 8.37 10.01
C TYR C 29 24.99 8.21 8.65
N PRO C 30 25.78 8.33 7.58
CA PRO C 30 25.37 8.28 6.19
C PRO C 30 25.53 6.90 5.55
N GLY C 31 25.60 5.85 6.36
CA GLY C 31 25.84 4.53 5.83
C GLY C 31 27.31 4.19 5.72
N PRO C 32 27.62 2.90 5.57
CA PRO C 32 29.01 2.44 5.52
C PRO C 32 29.70 2.83 4.22
N THR C 33 31.02 2.93 4.30
CA THR C 33 31.85 3.22 3.13
C THR C 33 33.11 2.37 3.17
N LYS C 34 33.91 2.43 2.11
CA LYS C 34 35.13 1.63 2.07
C LYS C 34 36.11 2.08 3.15
N ASP C 35 36.04 3.36 3.51
CA ASP C 35 36.87 3.93 4.58
C ASP C 35 36.22 3.78 5.96
N ASP C 36 34.96 3.35 5.98
CA ASP C 36 34.22 3.21 7.23
C ASP C 36 33.29 2.01 7.08
N PRO C 37 33.87 0.82 6.91
CA PRO C 37 33.10 -0.41 6.65
C PRO C 37 32.32 -0.85 7.87
N LEU C 38 31.28 -1.64 7.66
CA LEU C 38 30.41 -2.09 8.74
C LEU C 38 30.25 -3.60 8.67
N THR C 39 30.25 -4.25 9.84
CA THR C 39 29.92 -5.68 9.89
C THR C 39 28.51 -5.88 10.42
N VAL C 40 27.69 -6.60 9.66
CA VAL C 40 26.33 -6.92 10.06
C VAL C 40 26.22 -8.42 10.36
N THR C 41 25.81 -8.75 11.57
CA THR C 41 25.56 -10.14 11.93
C THR C 41 24.11 -10.52 11.66
N LEU C 42 23.91 -11.66 11.02
CA LEU C 42 22.58 -12.16 10.65
C LEU C 42 22.30 -13.51 11.28
N GLY C 43 21.05 -13.70 11.71
CA GLY C 43 20.61 -14.98 12.21
C GLY C 43 19.14 -15.18 11.86
N PHE C 44 18.77 -16.41 11.59
CA PHE C 44 17.40 -16.72 11.22
C PHE C 44 16.74 -17.61 12.26
N THR C 45 15.50 -17.28 12.60
CA THR C 45 14.64 -18.13 13.41
C THR C 45 13.45 -18.52 12.55
N LEU C 46 13.44 -19.77 12.11
CA LEU C 46 12.44 -20.25 11.18
C LEU C 46 11.20 -20.66 11.93
N GLN C 47 10.07 -20.03 11.60
CA GLN C 47 8.85 -20.33 12.34
C GLN C 47 7.91 -21.29 11.60
N ASP C 48 7.88 -21.23 10.27
CA ASP C 48 6.90 -22.03 9.55
C ASP C 48 7.22 -22.06 8.06
N ILE C 49 7.21 -23.26 7.48
CA ILE C 49 7.06 -23.38 6.04
C ILE C 49 5.57 -23.48 5.82
N VAL C 50 4.99 -22.40 5.32
CA VAL C 50 3.53 -22.28 5.27
C VAL C 50 2.96 -23.03 4.07
N LYS C 51 3.69 -22.97 2.96
CA LYS C 51 3.18 -23.37 1.66
C LYS C 51 4.33 -23.77 0.74
N ALA C 52 4.13 -24.83 -0.04
CA ALA C 52 5.10 -25.21 -1.05
C ALA C 52 4.35 -25.49 -2.34
N ASP C 53 4.58 -24.67 -3.35
CA ASP C 53 3.82 -24.71 -4.59
C ASP C 53 4.59 -25.40 -5.70
N SER C 54 4.19 -26.62 -6.08
CA SER C 54 4.89 -27.37 -7.12
C SER C 54 4.51 -26.92 -8.53
N SER C 55 3.47 -26.10 -8.65
CA SER C 55 3.10 -25.64 -9.98
C SER C 55 3.97 -24.45 -10.40
N THR C 56 4.55 -23.73 -9.45
CA THR C 56 5.37 -22.56 -9.75
C THR C 56 6.78 -22.65 -9.17
N ASN C 57 7.02 -23.69 -8.37
CA ASN C 57 8.26 -23.84 -7.62
C ASN C 57 8.58 -22.59 -6.82
N GLU C 58 7.62 -22.27 -5.94
CA GLU C 58 7.73 -21.22 -4.93
C GLU C 58 7.42 -21.84 -3.57
N VAL C 59 8.21 -21.50 -2.57
CA VAL C 59 7.89 -21.91 -1.21
C VAL C 59 7.78 -20.66 -0.34
N ASP C 60 6.82 -20.68 0.59
CA ASP C 60 6.58 -19.56 1.50
C ASP C 60 7.07 -19.87 2.91
N LEU C 61 7.98 -19.03 3.42
CA LEU C 61 8.50 -19.16 4.79
C LEU C 61 8.07 -18.01 5.66
N VAL C 62 7.83 -18.30 6.93
CA VAL C 62 7.70 -17.26 7.95
C VAL C 62 8.88 -17.43 8.93
N TYR C 63 9.62 -16.35 9.18
CA TYR C 63 10.82 -16.42 10.02
C TYR C 63 11.07 -15.07 10.65
N TYR C 64 11.90 -15.05 11.69
CA TYR C 64 12.39 -13.79 12.25
C TYR C 64 13.81 -13.62 11.77
N GLU C 65 14.13 -12.44 11.26
CA GLU C 65 15.49 -12.19 10.79
C GLU C 65 16.22 -11.28 11.77
N GLN C 66 17.12 -11.84 12.57
CA GLN C 66 17.86 -11.03 13.52
C GLN C 66 19.06 -10.33 12.86
N GLN C 67 19.09 -9.00 12.97
CA GLN C 67 20.17 -8.19 12.40
C GLN C 67 20.87 -7.41 13.52
N ARG C 68 22.19 -7.37 13.47
CA ARG C 68 22.97 -6.73 14.51
C ARG C 68 24.16 -6.01 13.90
N TRP C 69 24.38 -4.77 14.34
CA TRP C 69 25.54 -3.97 13.94
C TRP C 69 25.83 -2.94 15.04
N LYS C 70 26.95 -2.25 14.92
CA LYS C 70 27.40 -1.34 15.97
C LYS C 70 27.97 -0.07 15.37
N LEU C 71 27.53 1.08 15.89
CA LEU C 71 27.97 2.38 15.39
C LEU C 71 28.51 3.22 16.53
N ASN C 72 29.70 3.79 16.35
CA ASN C 72 30.24 4.73 17.34
C ASN C 72 29.29 5.90 17.61
N SER C 73 28.54 6.33 16.60
CA SER C 73 27.64 7.48 16.73
C SER C 73 26.37 7.19 17.54
N LEU C 74 26.14 5.93 17.90
CA LEU C 74 25.01 5.59 18.77
C LEU C 74 25.47 5.26 20.21
N MET C 75 26.74 5.54 20.52
CA MET C 75 27.30 5.24 21.86
C MET C 75 26.97 6.36 22.85
N TRP C 76 26.79 5.99 24.11
CA TRP C 76 26.68 7.01 25.15
C TRP C 76 27.14 6.44 26.48
N ASP C 77 27.38 7.35 27.43
CA ASP C 77 27.74 6.99 28.80
C ASP C 77 26.47 6.92 29.62
N PRO C 78 26.11 5.73 30.12
CA PRO C 78 24.87 5.64 30.91
C PRO C 78 24.85 6.56 32.13
N ASN C 79 26.02 6.91 32.66
CA ASN C 79 26.09 7.79 33.84
C ASN C 79 25.59 9.20 33.54
N GLU C 80 25.68 9.63 32.29
CA GLU C 80 25.23 10.97 31.90
C GLU C 80 23.72 11.01 31.68
N TYR C 81 23.09 9.85 31.72
CA TYR C 81 21.68 9.73 31.38
C TYR C 81 20.92 8.81 32.33
N GLY C 82 21.05 9.05 33.63
CA GLY C 82 20.30 8.29 34.62
C GLY C 82 20.50 6.79 34.56
N ASN C 83 21.68 6.37 34.13
CA ASN C 83 22.02 4.96 34.00
C ASN C 83 21.16 4.20 32.98
N ILE C 84 20.58 4.91 32.02
CA ILE C 84 19.92 4.23 30.91
C ILE C 84 20.96 3.48 30.08
N THR C 85 20.76 2.18 29.90
CA THR C 85 21.72 1.35 29.16
C THR C 85 21.24 0.95 27.76
N ASP C 86 19.97 1.19 27.47
CA ASP C 86 19.43 0.87 26.15
C ASP C 86 18.08 1.53 25.97
N PHE C 87 17.65 1.63 24.72
CA PHE C 87 16.31 2.11 24.42
C PHE C 87 15.76 1.51 23.14
N ARG C 88 14.43 1.58 22.99
CA ARG C 88 13.77 1.11 21.78
C ARG C 88 13.41 2.33 20.98
N THR C 89 13.54 2.24 19.66
CA THR C 89 13.12 3.35 18.83
C THR C 89 12.71 2.87 17.45
N SER C 90 11.81 3.60 16.80
CA SER C 90 11.37 3.22 15.46
C SER C 90 12.55 3.03 14.52
N ALA C 91 12.50 1.97 13.71
CA ALA C 91 13.61 1.65 12.82
C ALA C 91 13.85 2.76 11.80
N ALA C 92 12.85 3.61 11.59
CA ALA C 92 13.02 4.74 10.65
C ALA C 92 13.82 5.89 11.26
N ASP C 93 14.05 5.84 12.56
CA ASP C 93 14.87 6.86 13.23
C ASP C 93 16.36 6.67 12.99
N ILE C 94 16.74 5.50 12.47
CA ILE C 94 18.14 5.16 12.33
C ILE C 94 18.41 4.54 10.97
N TRP C 95 19.69 4.49 10.61
CA TRP C 95 20.13 3.76 9.44
C TRP C 95 19.94 2.26 9.68
N THR C 96 19.45 1.54 8.66
CA THR C 96 19.39 0.09 8.73
C THR C 96 19.94 -0.48 7.44
N PRO C 97 20.53 -1.68 7.51
CA PRO C 97 21.17 -2.34 6.37
C PRO C 97 20.14 -2.85 5.35
N ASP C 98 20.49 -2.80 4.08
CA ASP C 98 19.58 -3.17 3.00
C ASP C 98 19.69 -4.67 2.71
N ILE C 99 19.59 -5.48 3.76
CA ILE C 99 19.65 -6.93 3.63
C ILE C 99 18.43 -7.44 2.85
N THR C 100 18.68 -8.21 1.80
CA THR C 100 17.67 -8.55 0.80
C THR C 100 17.79 -10.01 0.45
N ALA C 101 16.66 -10.71 0.31
CA ALA C 101 16.68 -12.05 -0.26
C ALA C 101 16.98 -11.96 -1.76
N TYR C 102 17.92 -12.78 -2.23
CA TYR C 102 18.40 -12.69 -3.59
C TYR C 102 17.52 -13.44 -4.58
N SER C 103 16.64 -14.31 -4.11
CA SER C 103 15.78 -15.07 -5.02
C SER C 103 14.31 -15.11 -4.55
N SER C 104 13.85 -14.01 -3.95
CA SER C 104 12.44 -13.86 -3.62
C SER C 104 11.62 -13.78 -4.91
N THR C 105 10.35 -14.13 -4.84
CA THR C 105 9.50 -14.01 -6.02
C THR C 105 8.32 -13.07 -5.82
N ARG C 106 8.22 -12.54 -4.61
CA ARG C 106 7.25 -11.53 -4.22
CA ARG C 106 7.25 -11.52 -4.25
C ARG C 106 7.89 -10.59 -3.21
N PRO C 107 7.36 -9.35 -3.08
CA PRO C 107 7.89 -8.48 -2.02
C PRO C 107 7.72 -9.16 -0.66
N VAL C 108 8.73 -9.04 0.20
CA VAL C 108 8.62 -9.58 1.56
CA VAL C 108 8.61 -9.58 1.56
C VAL C 108 7.46 -8.89 2.27
N GLN C 109 6.76 -9.63 3.12
CA GLN C 109 5.68 -9.03 3.90
C GLN C 109 6.15 -8.96 5.34
N VAL C 110 6.08 -7.78 5.95
CA VAL C 110 6.52 -7.61 7.33
C VAL C 110 5.41 -7.91 8.34
N LEU C 111 5.70 -8.70 9.36
CA LEU C 111 4.67 -9.20 10.27
C LEU C 111 4.79 -8.60 11.67
N SER C 112 5.84 -7.83 11.90
CA SER C 112 6.12 -7.25 13.21
C SER C 112 6.34 -5.75 13.10
N PRO C 113 6.27 -5.06 14.24
CA PRO C 113 6.59 -3.63 14.34
C PRO C 113 8.00 -3.39 13.86
N GLN C 114 8.28 -2.25 13.25
CA GLN C 114 9.64 -1.97 12.80
C GLN C 114 10.30 -1.09 13.85
N ILE C 115 10.81 -1.74 14.89
CA ILE C 115 11.40 -1.07 16.03
C ILE C 115 12.71 -1.75 16.36
N ALA C 116 13.74 -0.95 16.63
CA ALA C 116 15.06 -1.46 16.94
C ALA C 116 15.42 -1.23 18.42
N VAL C 117 16.30 -2.07 18.95
CA VAL C 117 16.84 -1.83 20.28
C VAL C 117 18.29 -1.32 20.14
N VAL C 118 18.55 -0.16 20.74
CA VAL C 118 19.87 0.46 20.71
C VAL C 118 20.47 0.40 22.12
N THR C 119 21.72 -0.05 22.20
CA THR C 119 22.39 -0.23 23.48
C THR C 119 23.56 0.75 23.60
N HIS C 120 23.94 1.10 24.83
CA HIS C 120 24.89 2.20 25.05
C HIS C 120 26.27 1.98 24.40
N ASP C 121 26.60 0.75 24.02
CA ASP C 121 27.86 0.50 23.34
C ASP C 121 27.75 0.83 21.84
N GLY C 122 26.59 1.31 21.43
CA GLY C 122 26.38 1.67 20.03
C GLY C 122 25.85 0.51 19.20
N SER C 123 25.59 -0.63 19.83
CA SER C 123 25.10 -1.77 19.07
C SER C 123 23.59 -1.65 18.87
N VAL C 124 23.14 -2.14 17.72
CA VAL C 124 21.74 -2.09 17.32
C VAL C 124 21.26 -3.51 17.06
N MET C 125 20.08 -3.84 17.56
CA MET C 125 19.48 -5.12 17.24
C MET C 125 18.08 -4.89 16.68
N PHE C 126 17.85 -5.45 15.50
CA PHE C 126 16.60 -5.26 14.76
C PHE C 126 16.14 -6.64 14.30
N ILE C 127 14.92 -7.04 14.67
CA ILE C 127 14.48 -8.41 14.39
C ILE C 127 13.09 -8.44 13.75
N PRO C 128 12.99 -8.08 12.46
CA PRO C 128 11.72 -8.12 11.74
C PRO C 128 11.26 -9.55 11.49
N ALA C 129 9.99 -9.85 11.80
CA ALA C 129 9.35 -11.08 11.33
C ALA C 129 8.85 -10.84 9.92
N GLN C 130 9.03 -11.83 9.05
CA GLN C 130 8.75 -11.68 7.61
C GLN C 130 8.09 -12.95 7.07
N ARG C 131 7.22 -12.78 6.07
CA ARG C 131 6.80 -13.88 5.23
C ARG C 131 7.48 -13.69 3.86
N LEU C 132 8.17 -14.74 3.39
CA LEU C 132 8.93 -14.69 2.15
C LEU C 132 8.50 -15.79 1.18
N SER C 133 8.17 -15.42 -0.06
CA SER C 133 8.06 -16.41 -1.15
C SER C 133 9.39 -16.46 -1.87
N PHE C 134 9.97 -17.65 -2.06
CA PHE C 134 11.22 -17.73 -2.82
C PHE C 134 11.29 -18.93 -3.75
N MET C 135 12.26 -18.90 -4.66
CA MET C 135 12.44 -19.94 -5.65
C MET C 135 12.87 -21.25 -4.99
N CYS C 136 12.03 -22.26 -5.13
CA CYS C 136 12.26 -23.52 -4.47
C CYS C 136 11.43 -24.63 -5.15
N ASP C 137 12.13 -25.65 -5.61
CA ASP C 137 11.48 -26.81 -6.19
C ASP C 137 11.29 -27.82 -5.07
N PRO C 138 10.04 -28.08 -4.69
CA PRO C 138 9.76 -28.96 -3.56
C PRO C 138 9.73 -30.44 -3.94
N THR C 139 10.14 -30.80 -5.16
CA THR C 139 10.14 -32.20 -5.57
C THR C 139 10.85 -33.03 -4.51
N GLY C 140 10.20 -34.11 -4.08
CA GLY C 140 10.77 -34.99 -3.08
C GLY C 140 10.26 -34.71 -1.68
N VAL C 141 9.44 -33.68 -1.53
CA VAL C 141 8.96 -33.31 -0.20
C VAL C 141 8.01 -34.37 0.35
N ASP C 142 7.40 -35.16 -0.54
CA ASP C 142 6.53 -36.24 -0.11
C ASP C 142 7.31 -37.56 -0.06
N SER C 143 8.55 -37.48 0.37
CA SER C 143 9.40 -38.66 0.43
C SER C 143 10.25 -38.61 1.67
N GLU C 144 10.83 -39.76 2.02
CA GLU C 144 11.67 -39.87 3.20
C GLU C 144 12.81 -38.85 3.25
N GLU C 145 13.48 -38.67 2.12
CA GLU C 145 14.61 -37.75 2.03
C GLU C 145 14.18 -36.27 2.02
N GLY C 146 12.95 -36.00 1.60
CA GLY C 146 12.44 -34.65 1.58
C GLY C 146 13.05 -33.80 0.48
N ALA C 147 12.76 -32.50 0.50
CA ALA C 147 13.28 -31.58 -0.48
C ALA C 147 14.34 -30.67 0.14
N THR C 148 15.24 -30.16 -0.69
CA THR C 148 16.21 -29.20 -0.23
C THR C 148 16.13 -27.93 -1.07
N CYS C 149 16.04 -26.80 -0.39
CA CYS C 149 16.01 -25.52 -1.07
C CYS C 149 16.90 -24.51 -0.34
N ALA C 150 17.27 -23.44 -1.03
CA ALA C 150 18.20 -22.47 -0.46
C ALA C 150 17.89 -21.07 -0.95
N VAL C 151 18.21 -20.07 -0.13
CA VAL C 151 18.05 -18.68 -0.51
C VAL C 151 19.16 -17.85 0.14
N LYS C 152 19.80 -17.01 -0.65
CA LYS C 152 20.89 -16.14 -0.20
C LYS C 152 20.35 -14.81 0.29
N PHE C 153 20.92 -14.30 1.38
CA PHE C 153 20.60 -12.95 1.85
C PHE C 153 21.85 -12.09 1.88
N GLY C 154 21.74 -10.84 1.47
CA GLY C 154 22.89 -9.95 1.50
C GLY C 154 22.51 -8.53 1.17
N SER C 155 23.48 -7.62 1.23
CA SER C 155 23.25 -6.25 0.81
C SER C 155 22.91 -6.24 -0.69
N TRP C 156 21.99 -5.36 -1.09
CA TRP C 156 21.70 -5.17 -2.50
C TRP C 156 22.74 -4.28 -3.14
N VAL C 157 23.17 -3.25 -2.43
CA VAL C 157 24.01 -2.22 -3.06
C VAL C 157 25.42 -2.06 -2.47
N TYR C 158 25.72 -2.72 -1.35
CA TYR C 158 27.06 -2.60 -0.76
C TYR C 158 27.90 -3.85 -0.95
N SER C 159 29.10 -3.69 -1.48
CA SER C 159 30.01 -4.83 -1.61
C SER C 159 30.59 -5.19 -0.26
N GLY C 160 31.36 -6.28 -0.22
CA GLY C 160 32.03 -6.70 1.01
C GLY C 160 33.06 -5.70 1.53
N PHE C 161 33.41 -4.71 0.73
CA PHE C 161 34.30 -3.65 1.17
C PHE C 161 33.56 -2.59 1.98
N GLU C 162 32.23 -2.57 1.88
CA GLU C 162 31.43 -1.64 2.67
C GLU C 162 30.63 -2.33 3.78
N ILE C 163 30.00 -3.45 3.44
CA ILE C 163 29.31 -4.25 4.44
C ILE C 163 29.82 -5.68 4.43
N ASP C 164 30.36 -6.11 5.56
CA ASP C 164 30.71 -7.50 5.75
C ASP C 164 29.58 -8.16 6.53
N LEU C 165 29.35 -9.44 6.29
CA LEU C 165 28.32 -10.18 7.02
C LEU C 165 28.93 -11.29 7.82
N LYS C 166 28.31 -11.63 8.93
CA LYS C 166 28.67 -12.83 9.66
C LYS C 166 27.45 -13.41 10.35
N THR C 167 27.54 -14.69 10.70
CA THR C 167 26.55 -15.33 11.56
C THR C 167 27.16 -15.59 12.94
N ASP C 168 26.32 -15.61 13.97
CA ASP C 168 26.78 -16.01 15.31
C ASP C 168 26.83 -17.52 15.39
N THR C 169 26.05 -18.18 14.54
CA THR C 169 26.04 -19.63 14.43
C THR C 169 25.59 -20.08 13.04
N ASP C 170 26.02 -21.26 12.62
CA ASP C 170 25.67 -21.79 11.31
C ASP C 170 24.41 -22.66 11.39
N GLN C 171 23.93 -22.84 12.62
CA GLN C 171 22.70 -23.59 12.84
C GLN C 171 21.52 -22.63 12.95
N VAL C 172 20.53 -22.78 12.07
CA VAL C 172 19.31 -21.96 12.16
C VAL C 172 18.53 -22.27 13.45
N ASP C 173 18.09 -21.26 14.16
CA ASP C 173 17.27 -21.44 15.37
C ASP C 173 15.90 -22.04 15.01
N LEU C 174 15.65 -23.25 15.47
CA LEU C 174 14.39 -23.96 15.22
C LEU C 174 13.51 -24.08 16.47
N SER C 175 13.85 -23.37 17.53
CA SER C 175 13.13 -23.49 18.79
C SER C 175 11.77 -22.78 18.74
N SER C 176 11.47 -22.09 17.64
CA SER C 176 10.15 -21.49 17.49
C SER C 176 9.42 -22.07 16.30
N TYR C 177 9.93 -23.17 15.75
CA TYR C 177 9.31 -23.74 14.58
C TYR C 177 7.96 -24.35 14.96
N TYR C 178 6.96 -24.07 14.13
CA TYR C 178 5.59 -24.44 14.42
C TYR C 178 5.38 -25.96 14.42
N ALA C 179 5.01 -26.50 15.59
CA ALA C 179 4.96 -27.94 15.81
C ALA C 179 3.97 -28.66 14.90
N SER C 180 2.92 -27.97 14.46
CA SER C 180 1.91 -28.60 13.60
C SER C 180 1.90 -28.05 12.17
N SER C 181 3.05 -27.54 11.72
CA SER C 181 3.22 -27.16 10.31
C SER C 181 2.91 -28.33 9.39
N LYS C 182 2.51 -28.04 8.17
CA LYS C 182 2.36 -29.08 7.17
C LYS C 182 3.72 -29.70 6.85
N TYR C 183 4.81 -28.99 7.15
CA TYR C 183 6.15 -29.50 6.87
C TYR C 183 7.06 -29.58 8.10
N GLU C 184 7.78 -30.70 8.23
CA GLU C 184 8.80 -30.81 9.26
C GLU C 184 10.18 -30.45 8.70
N ILE C 185 11.03 -29.87 9.54
CA ILE C 185 12.38 -29.50 9.15
C ILE C 185 13.37 -30.62 9.43
N LEU C 186 14.12 -31.03 8.41
CA LEU C 186 15.12 -32.07 8.57
C LEU C 186 16.46 -31.45 8.92
N SER C 187 16.75 -30.30 8.31
CA SER C 187 17.84 -29.45 8.79
C SER C 187 17.75 -28.04 8.23
N ALA C 188 18.34 -27.09 8.92
CA ALA C 188 18.36 -25.70 8.45
C ALA C 188 19.67 -25.04 8.85
N THR C 189 20.45 -24.63 7.87
CA THR C 189 21.73 -24.01 8.14
C THR C 189 21.77 -22.62 7.54
N GLN C 190 22.67 -21.79 8.05
CA GLN C 190 22.87 -20.43 7.58
C GLN C 190 24.37 -20.20 7.50
N THR C 191 24.89 -19.98 6.29
CA THR C 191 26.33 -19.98 6.07
C THR C 191 26.83 -18.76 5.28
N ARG C 192 27.81 -18.06 5.84
CA ARG C 192 28.44 -16.93 5.16
C ARG C 192 29.17 -17.42 3.91
N GLN C 193 28.96 -16.74 2.80
CA GLN C 193 29.67 -17.08 1.56
C GLN C 193 30.38 -15.86 1.00
N VAL C 194 31.55 -16.09 0.40
CA VAL C 194 32.26 -15.05 -0.32
C VAL C 194 32.38 -15.44 -1.77
N GLN C 195 32.03 -14.51 -2.65
CA GLN C 195 32.20 -14.68 -4.09
C GLN C 195 33.05 -13.53 -4.61
N HIS C 196 33.81 -13.80 -5.68
CA HIS C 196 34.55 -12.76 -6.37
C HIS C 196 34.09 -12.70 -7.82
N CYS C 199 34.16 -9.71 -13.28
CA CYS C 199 33.58 -8.40 -13.54
C CYS C 199 34.11 -7.34 -12.58
N CYS C 200 34.08 -7.65 -11.29
CA CYS C 200 34.27 -6.65 -10.25
C CYS C 200 35.35 -7.07 -9.25
N PRO C 201 36.28 -6.16 -8.92
CA PRO C 201 37.36 -6.54 -8.01
C PRO C 201 36.89 -6.86 -6.59
N GLU C 202 35.89 -6.14 -6.11
CA GLU C 202 35.45 -6.25 -4.72
C GLU C 202 34.72 -7.56 -4.46
N PRO C 203 35.01 -8.19 -3.31
CA PRO C 203 34.32 -9.43 -2.95
C PRO C 203 32.85 -9.17 -2.63
N TYR C 204 31.99 -10.18 -2.78
CA TYR C 204 30.61 -10.01 -2.40
C TYR C 204 30.20 -11.08 -1.38
N ILE C 205 29.49 -10.64 -0.34
CA ILE C 205 29.17 -11.50 0.80
C ILE C 205 27.68 -11.79 0.88
N ASP C 206 27.33 -13.03 1.21
CA ASP C 206 25.95 -13.35 1.51
C ASP C 206 25.89 -14.39 2.60
N VAL C 207 24.70 -14.57 3.16
CA VAL C 207 24.43 -15.68 4.04
C VAL C 207 23.42 -16.58 3.35
N ASN C 208 23.80 -17.83 3.16
CA ASN C 208 23.00 -18.78 2.44
C ASN C 208 22.16 -19.60 3.40
N LEU C 209 20.85 -19.48 3.28
CA LEU C 209 19.93 -20.20 4.14
C LEU C 209 19.52 -21.47 3.43
N VAL C 210 19.92 -22.62 3.98
CA VAL C 210 19.63 -23.90 3.32
C VAL C 210 18.70 -24.75 4.18
N VAL C 211 17.55 -25.13 3.61
CA VAL C 211 16.51 -25.81 4.37
C VAL C 211 16.13 -27.12 3.72
N LYS C 212 16.27 -28.22 4.46
CA LYS C 212 15.78 -29.53 4.05
C LYS C 212 14.49 -29.84 4.81
N PHE C 213 13.44 -30.20 4.09
CA PHE C 213 12.14 -30.32 4.73
C PHE C 213 11.31 -31.38 4.03
N ARG C 214 10.25 -31.84 4.69
CA ARG C 214 9.37 -32.83 4.08
C ARG C 214 7.98 -32.77 4.69
N GLU C 215 6.99 -33.32 3.98
CA GLU C 215 5.63 -33.33 4.50
C GLU C 215 5.57 -34.05 5.83
N ARG C 216 4.91 -33.42 6.81
CA ARG C 216 4.73 -33.97 8.14
C ARG C 216 3.67 -35.09 8.10
N LEU D 9 -18.76 26.94 20.58
CA LEU D 9 -17.53 27.41 19.96
C LEU D 9 -16.42 27.54 21.00
N HIS D 10 -16.82 27.79 22.24
CA HIS D 10 -15.89 27.86 23.36
C HIS D 10 -15.38 26.46 23.72
N SER D 11 -16.24 25.45 23.60
CA SER D 11 -15.84 24.07 23.83
C SER D 11 -14.84 23.63 22.76
N GLN D 12 -15.06 24.08 21.53
CA GLN D 12 -14.16 23.75 20.42
C GLN D 12 -12.80 24.40 20.63
N ALA D 13 -12.81 25.64 21.11
CA ALA D 13 -11.58 26.36 21.39
C ALA D 13 -10.82 25.72 22.55
N ASN D 14 -11.55 25.26 23.55
CA ASN D 14 -10.95 24.56 24.69
C ASN D 14 -10.30 23.24 24.28
N LEU D 15 -11.00 22.46 23.47
CA LEU D 15 -10.48 21.17 23.01
C LEU D 15 -9.24 21.37 22.16
N MET D 16 -9.29 22.32 21.23
CA MET D 16 -8.12 22.62 20.40
C MET D 16 -6.95 23.08 21.27
N ARG D 17 -7.21 23.88 22.30
CA ARG D 17 -6.13 24.34 23.18
C ARG D 17 -5.57 23.19 24.05
N LEU D 18 -6.43 22.31 24.52
CA LEU D 18 -5.96 21.15 25.27
C LEU D 18 -5.02 20.30 24.42
N LYS D 19 -5.46 19.97 23.20
CA LYS D 19 -4.66 19.11 22.33
C LYS D 19 -3.31 19.75 21.99
N SER D 20 -3.32 21.05 21.72
CA SER D 20 -2.07 21.78 21.46
C SER D 20 -1.16 21.71 22.68
N ASP D 21 -1.74 21.96 23.84
CA ASP D 21 -1.00 21.89 25.10
C ASP D 21 -0.35 20.53 25.32
N LEU D 22 -1.13 19.47 25.15
CA LEU D 22 -0.64 18.10 25.39
C LEU D 22 0.37 17.66 24.33
N PHE D 23 0.05 17.91 23.06
CA PHE D 23 0.85 17.36 21.96
C PHE D 23 1.99 18.30 21.56
N ASN D 24 2.15 19.38 22.31
CA ASN D 24 3.36 20.20 22.29
C ASN D 24 3.72 20.59 23.73
N TYR D 29 6.25 11.21 24.35
CA TYR D 29 6.50 10.08 25.26
C TYR D 29 7.39 9.10 24.54
N PRO D 30 8.56 8.82 25.12
CA PRO D 30 9.59 8.00 24.48
C PRO D 30 9.35 6.52 24.66
N GLY D 31 8.22 6.15 25.25
CA GLY D 31 7.95 4.76 25.56
C GLY D 31 8.39 4.46 26.98
N PRO D 32 7.99 3.28 27.51
CA PRO D 32 8.34 2.94 28.89
C PRO D 32 9.79 2.50 29.07
N THR D 33 10.24 2.50 30.31
CA THR D 33 11.55 1.98 30.68
C THR D 33 11.47 1.19 31.98
N LYS D 34 12.57 0.52 32.32
CA LYS D 34 12.70 -0.21 33.56
C LYS D 34 12.34 0.69 34.74
N ASP D 35 12.75 1.94 34.67
CA ASP D 35 12.52 2.89 35.76
C ASP D 35 11.09 3.43 35.74
N ASP D 36 10.47 3.41 34.57
CA ASP D 36 9.13 3.93 34.41
C ASP D 36 8.27 2.94 33.60
N PRO D 37 7.98 1.77 34.19
CA PRO D 37 7.27 0.71 33.47
C PRO D 37 5.81 1.07 33.24
N LEU D 38 5.24 0.47 32.20
CA LEU D 38 3.84 0.71 31.86
C LEU D 38 3.05 -0.60 31.88
N THR D 39 1.88 -0.56 32.49
CA THR D 39 0.97 -1.69 32.42
C THR D 39 -0.02 -1.51 31.27
N VAL D 40 -0.11 -2.51 30.41
CA VAL D 40 -1.07 -2.47 29.32
C VAL D 40 -2.07 -3.57 29.51
N THR D 41 -3.34 -3.20 29.57
CA THR D 41 -4.39 -4.18 29.68
C THR D 41 -4.96 -4.52 28.33
N LEU D 42 -5.12 -5.82 28.09
CA LEU D 42 -5.51 -6.38 26.83
C LEU D 42 -6.74 -7.27 26.98
N GLY D 43 -7.68 -7.17 26.05
CA GLY D 43 -8.83 -8.06 25.99
C GLY D 43 -9.24 -8.29 24.55
N PHE D 44 -9.81 -9.45 24.27
CA PHE D 44 -10.29 -9.76 22.92
C PHE D 44 -11.79 -10.00 22.85
N THR D 45 -12.39 -9.51 21.77
CA THR D 45 -13.78 -9.82 21.41
C THR D 45 -13.76 -10.53 20.05
N LEU D 46 -14.08 -11.83 20.05
CA LEU D 46 -13.98 -12.61 18.81
C LEU D 46 -15.29 -12.57 18.03
N GLN D 47 -15.22 -12.12 16.77
CA GLN D 47 -16.44 -11.98 15.94
C GLN D 47 -16.67 -13.14 14.98
N ASP D 48 -15.60 -13.71 14.45
CA ASP D 48 -15.77 -14.69 13.38
C ASP D 48 -14.51 -15.49 13.18
N ILE D 49 -14.67 -16.81 13.06
CA ILE D 49 -13.64 -17.59 12.40
C ILE D 49 -14.07 -17.72 10.95
N VAL D 50 -13.38 -17.00 10.08
CA VAL D 50 -13.82 -16.85 8.72
C VAL D 50 -13.47 -18.05 7.87
N LYS D 51 -12.25 -18.54 8.05
CA LYS D 51 -11.66 -19.52 7.16
C LYS D 51 -10.65 -20.40 7.90
N ALA D 52 -10.64 -21.68 7.57
CA ALA D 52 -9.65 -22.62 8.12
C ALA D 52 -9.06 -23.43 6.96
N ASP D 53 -7.79 -23.21 6.67
CA ASP D 53 -7.16 -23.80 5.50
C ASP D 53 -6.31 -25.02 5.90
N SER D 54 -6.81 -26.23 5.65
CA SER D 54 -6.07 -27.43 6.03
C SER D 54 -4.91 -27.75 5.08
N SER D 55 -4.83 -27.05 3.96
CA SER D 55 -3.70 -27.28 3.06
C SER D 55 -2.45 -26.50 3.53
N THR D 56 -2.66 -25.42 4.26
CA THR D 56 -1.52 -24.61 4.72
C THR D 56 -1.43 -24.53 6.25
N ASN D 57 -2.46 -25.05 6.92
CA ASN D 57 -2.60 -24.87 8.37
C ASN D 57 -2.52 -23.40 8.76
N GLU D 58 -3.38 -22.62 8.11
CA GLU D 58 -3.64 -21.23 8.46
C GLU D 58 -5.12 -21.06 8.78
N VAL D 59 -5.40 -20.38 9.88
CA VAL D 59 -6.79 -20.03 10.19
C VAL D 59 -6.94 -18.50 10.26
N ASP D 60 -8.08 -18.02 9.83
CA ASP D 60 -8.35 -16.58 9.76
C ASP D 60 -9.40 -16.14 10.77
N LEU D 61 -9.06 -15.17 11.61
CA LEU D 61 -9.95 -14.67 12.63
C LEU D 61 -10.29 -13.22 12.39
N VAL D 62 -11.52 -12.85 12.72
CA VAL D 62 -11.90 -11.45 12.83
C VAL D 62 -12.27 -11.14 14.29
N TYR D 63 -11.65 -10.12 14.87
CA TYR D 63 -11.84 -9.79 16.27
C TYR D 63 -11.53 -8.32 16.47
N TYR D 64 -11.91 -7.77 17.62
CA TYR D 64 -11.29 -6.51 18.00
C TYR D 64 -10.69 -6.61 19.36
N GLU D 65 -9.65 -5.81 19.52
CA GLU D 65 -8.76 -5.87 20.65
C GLU D 65 -8.95 -4.62 21.50
N GLN D 66 -9.26 -4.79 22.78
CA GLN D 66 -9.26 -3.63 23.67
C GLN D 66 -7.86 -3.46 24.28
N GLN D 67 -7.30 -2.27 24.12
CA GLN D 67 -5.99 -1.94 24.69
C GLN D 67 -6.13 -0.70 25.56
N ARG D 68 -5.59 -0.78 26.78
CA ARG D 68 -5.72 0.32 27.73
C ARG D 68 -4.42 0.54 28.49
N TRP D 69 -4.01 1.79 28.61
CA TRP D 69 -2.84 2.15 29.41
C TRP D 69 -3.02 3.57 29.91
N LYS D 70 -2.07 4.03 30.74
CA LYS D 70 -2.19 5.34 31.40
C LYS D 70 -0.85 6.06 31.46
N LEU D 71 -0.81 7.33 31.05
CA LEU D 71 0.42 8.13 31.09
C LEU D 71 0.20 9.43 31.87
N ASN D 72 1.07 9.71 32.84
CA ASN D 72 0.98 10.98 33.57
C ASN D 72 1.11 12.15 32.61
N SER D 73 1.88 11.96 31.55
CA SER D 73 2.12 13.00 30.56
C SER D 73 0.90 13.27 29.66
N LEU D 74 -0.18 12.53 29.85
CA LEU D 74 -1.42 12.81 29.12
C LEU D 74 -2.49 13.31 30.09
N MET D 75 -2.08 13.61 31.31
CA MET D 75 -3.00 14.10 32.34
C MET D 75 -3.28 15.60 32.21
N TRP D 76 -4.52 15.99 32.47
CA TRP D 76 -4.91 17.39 32.56
C TRP D 76 -6.06 17.56 33.54
N ASP D 77 -6.19 18.76 34.09
CA ASP D 77 -7.33 19.10 34.96
C ASP D 77 -8.43 19.67 34.08
N PRO D 78 -9.63 19.06 34.13
CA PRO D 78 -10.73 19.55 33.29
C PRO D 78 -11.12 21.02 33.55
N ASN D 79 -11.07 21.48 34.79
CA ASN D 79 -11.47 22.85 35.12
C ASN D 79 -10.65 23.89 34.36
N GLU D 80 -9.45 23.51 33.93
CA GLU D 80 -8.58 24.40 33.15
C GLU D 80 -8.90 24.37 31.66
N TYR D 81 -9.84 23.51 31.27
CA TYR D 81 -10.19 23.34 29.85
C TYR D 81 -11.70 23.11 29.63
N GLY D 82 -12.52 24.00 30.16
CA GLY D 82 -13.95 23.95 29.90
C GLY D 82 -14.63 22.68 30.33
N ASN D 83 -14.03 22.01 31.30
CA ASN D 83 -14.55 20.74 31.83
C ASN D 83 -14.52 19.59 30.82
N ILE D 84 -13.61 19.68 29.86
CA ILE D 84 -13.36 18.55 28.96
C ILE D 84 -12.73 17.43 29.78
N THR D 85 -13.34 16.25 29.71
CA THR D 85 -12.86 15.10 30.45
C THR D 85 -12.20 14.05 29.54
N ASP D 86 -12.51 14.10 28.25
CA ASP D 86 -11.88 13.21 27.28
C ASP D 86 -12.05 13.69 25.85
N PHE D 87 -11.19 13.19 24.98
CA PHE D 87 -11.30 13.51 23.57
C PHE D 87 -10.89 12.32 22.70
N ARG D 88 -11.30 12.36 21.43
CA ARG D 88 -10.85 11.39 20.45
C ARG D 88 -9.68 11.98 19.72
N THR D 89 -8.71 11.14 19.33
CA THR D 89 -7.60 11.64 18.53
C THR D 89 -6.96 10.54 17.70
N SER D 90 -6.37 10.93 16.58
CA SER D 90 -5.63 9.99 15.74
C SER D 90 -4.60 9.21 16.57
N ALA D 91 -4.52 7.90 16.35
CA ALA D 91 -3.55 7.07 17.06
C ALA D 91 -2.12 7.48 16.69
N ALA D 92 -1.97 8.24 15.60
CA ALA D 92 -0.68 8.75 15.19
C ALA D 92 -0.20 9.91 16.08
N ASP D 93 -1.13 10.57 16.79
CA ASP D 93 -0.78 11.69 17.65
C ASP D 93 -0.12 11.23 18.96
N ILE D 94 -0.19 9.93 19.24
CA ILE D 94 0.25 9.42 20.54
C ILE D 94 1.08 8.15 20.41
N TRP D 95 1.86 7.86 21.44
CA TRP D 95 2.53 6.57 21.56
C TRP D 95 1.49 5.46 21.72
N THR D 96 1.70 4.31 21.07
CA THR D 96 0.82 3.16 21.27
C THR D 96 1.71 1.94 21.47
N PRO D 97 1.23 0.97 22.26
CA PRO D 97 2.07 -0.21 22.53
C PRO D 97 2.22 -1.11 21.31
N ASP D 98 3.38 -1.76 21.18
CA ASP D 98 3.66 -2.57 20.00
C ASP D 98 3.17 -4.02 20.18
N ILE D 99 1.91 -4.16 20.57
CA ILE D 99 1.29 -5.47 20.76
C ILE D 99 1.14 -6.16 19.41
N THR D 100 1.70 -7.36 19.32
CA THR D 100 1.81 -8.10 18.05
C THR D 100 1.43 -9.55 18.25
N ALA D 101 0.83 -10.19 17.25
CA ALA D 101 0.64 -11.64 17.28
C ALA D 101 2.00 -12.28 16.98
N TYR D 102 2.33 -13.35 17.71
CA TYR D 102 3.66 -13.95 17.56
C TYR D 102 3.72 -15.05 16.49
N SER D 103 2.58 -15.47 15.97
CA SER D 103 2.57 -16.54 14.99
C SER D 103 1.62 -16.26 13.82
N SER D 104 1.48 -14.98 13.44
CA SER D 104 0.76 -14.65 12.22
C SER D 104 1.53 -15.14 11.01
N THR D 105 0.81 -15.34 9.90
CA THR D 105 1.44 -15.76 8.66
C THR D 105 1.25 -14.75 7.55
N ARG D 106 0.47 -13.72 7.85
CA ARG D 106 0.28 -12.58 6.94
CA ARG D 106 0.23 -12.58 6.94
C ARG D 106 0.18 -11.30 7.76
N PRO D 107 0.52 -10.15 7.15
CA PRO D 107 0.35 -8.91 7.91
C PRO D 107 -1.11 -8.76 8.38
N VAL D 108 -1.33 -8.34 9.62
CA VAL D 108 -2.69 -8.11 10.11
CA VAL D 108 -2.69 -8.12 10.10
C VAL D 108 -3.36 -7.04 9.26
N GLN D 109 -4.65 -7.22 8.98
CA GLN D 109 -5.38 -6.22 8.22
C GLN D 109 -6.30 -5.47 9.16
N VAL D 110 -6.24 -4.14 9.11
CA VAL D 110 -6.98 -3.31 10.05
C VAL D 110 -8.38 -2.99 9.54
N LEU D 111 -9.40 -3.19 10.39
CA LEU D 111 -10.80 -3.06 9.97
C LEU D 111 -11.49 -1.82 10.57
N SER D 112 -10.82 -1.15 11.49
CA SER D 112 -11.37 0.00 12.20
C SER D 112 -10.42 1.20 12.12
N PRO D 113 -10.96 2.41 12.31
CA PRO D 113 -10.15 3.63 12.22
C PRO D 113 -9.08 3.72 13.32
N GLN D 114 -7.92 4.24 12.96
CA GLN D 114 -6.84 4.33 13.91
C GLN D 114 -7.00 5.61 14.73
N ILE D 115 -7.94 5.53 15.66
CA ILE D 115 -8.33 6.64 16.51
C ILE D 115 -8.43 6.08 17.92
N ALA D 116 -7.92 6.81 18.91
CA ALA D 116 -8.04 6.37 20.29
C ALA D 116 -8.76 7.42 21.13
N VAL D 117 -9.12 7.04 22.35
CA VAL D 117 -9.75 7.96 23.27
C VAL D 117 -8.84 8.24 24.45
N VAL D 118 -8.58 9.52 24.71
CA VAL D 118 -7.74 9.91 25.82
C VAL D 118 -8.61 10.55 26.92
N THR D 119 -8.39 10.15 28.17
CA THR D 119 -9.20 10.63 29.27
C THR D 119 -8.34 11.49 30.19
N HIS D 120 -8.97 12.39 30.96
CA HIS D 120 -8.23 13.41 31.70
C HIS D 120 -7.27 12.84 32.74
N ASP D 121 -7.48 11.60 33.16
CA ASP D 121 -6.59 11.01 34.16
C ASP D 121 -5.35 10.40 33.49
N GLY D 122 -5.20 10.64 32.18
CA GLY D 122 -4.05 10.17 31.43
C GLY D 122 -4.25 8.81 30.77
N SER D 123 -5.42 8.22 30.96
CA SER D 123 -5.64 6.88 30.43
C SER D 123 -6.05 6.92 28.95
N VAL D 124 -5.70 5.86 28.23
CA VAL D 124 -5.95 5.79 26.79
C VAL D 124 -6.66 4.49 26.50
N MET D 125 -7.66 4.58 25.64
CA MET D 125 -8.42 3.41 25.22
C MET D 125 -8.28 3.32 23.71
N PHE D 126 -7.79 2.20 23.20
CA PHE D 126 -7.62 1.99 21.76
C PHE D 126 -8.21 0.62 21.43
N ILE D 127 -9.04 0.55 20.40
CA ILE D 127 -9.78 -0.68 20.12
C ILE D 127 -9.68 -1.10 18.64
N PRO D 128 -8.52 -1.61 18.25
CA PRO D 128 -8.30 -2.01 16.85
C PRO D 128 -9.07 -3.28 16.48
N ALA D 129 -9.85 -3.22 15.40
CA ALA D 129 -10.43 -4.42 14.83
C ALA D 129 -9.50 -4.93 13.74
N GLN D 130 -9.35 -6.26 13.65
CA GLN D 130 -8.34 -6.91 12.82
C GLN D 130 -8.85 -8.18 12.18
N ARG D 131 -8.35 -8.46 10.98
CA ARG D 131 -8.42 -9.81 10.42
C ARG D 131 -7.00 -10.36 10.46
N LEU D 132 -6.86 -11.56 11.04
CA LEU D 132 -5.59 -12.20 11.31
C LEU D 132 -5.53 -13.60 10.74
N SER D 133 -4.51 -13.89 9.94
CA SER D 133 -4.16 -15.25 9.56
C SER D 133 -3.07 -15.71 10.50
N PHE D 134 -3.22 -16.88 11.12
CA PHE D 134 -2.21 -17.39 12.03
C PHE D 134 -2.04 -18.92 11.93
N MET D 135 -0.96 -19.43 12.49
CA MET D 135 -0.60 -20.83 12.36
C MET D 135 -1.56 -21.70 13.19
N CYS D 136 -2.29 -22.56 12.50
CA CYS D 136 -3.30 -23.36 13.16
C CYS D 136 -3.66 -24.59 12.31
N ASP D 137 -3.52 -25.75 12.93
CA ASP D 137 -3.90 -27.03 12.34
C ASP D 137 -5.38 -27.29 12.64
N PRO D 138 -6.23 -27.20 11.61
CA PRO D 138 -7.67 -27.36 11.88
C PRO D 138 -8.11 -28.82 11.95
N THR D 139 -7.17 -29.75 12.09
CA THR D 139 -7.53 -31.15 12.15
C THR D 139 -8.45 -31.41 13.34
N GLY D 140 -9.57 -32.07 13.06
CA GLY D 140 -10.54 -32.37 14.09
C GLY D 140 -11.75 -31.44 14.05
N VAL D 141 -11.67 -30.41 13.21
CA VAL D 141 -12.72 -29.40 13.19
C VAL D 141 -14.06 -29.98 12.71
N ASP D 142 -14.01 -31.06 11.93
CA ASP D 142 -15.23 -31.75 11.50
C ASP D 142 -15.57 -32.93 12.42
N SER D 143 -15.18 -32.82 13.69
CA SER D 143 -15.47 -33.87 14.66
C SER D 143 -16.14 -33.25 15.86
N GLU D 144 -16.68 -34.08 16.75
CA GLU D 144 -17.38 -33.57 17.93
C GLU D 144 -16.45 -32.80 18.85
N GLU D 145 -15.18 -33.25 18.95
CA GLU D 145 -14.21 -32.60 19.81
C GLU D 145 -13.68 -31.26 19.23
N GLY D 146 -13.80 -31.10 17.91
CA GLY D 146 -13.37 -29.88 17.25
C GLY D 146 -11.87 -29.75 17.13
N ALA D 147 -11.39 -28.57 16.75
CA ALA D 147 -9.96 -28.30 16.70
C ALA D 147 -9.60 -27.32 17.81
N THR D 148 -8.34 -27.30 18.20
CA THR D 148 -7.85 -26.33 19.16
C THR D 148 -6.65 -25.60 18.59
N CYS D 149 -6.66 -24.28 18.64
CA CYS D 149 -5.51 -23.52 18.19
C CYS D 149 -5.20 -22.40 19.14
N ALA D 150 -4.00 -21.85 19.03
CA ALA D 150 -3.56 -20.82 19.97
C ALA D 150 -2.60 -19.84 19.29
N VAL D 151 -2.66 -18.58 19.72
CA VAL D 151 -1.75 -17.57 19.24
C VAL D 151 -1.46 -16.62 20.41
N LYS D 152 -0.18 -16.35 20.63
CA LYS D 152 0.24 -15.41 21.66
C LYS D 152 0.34 -13.99 21.14
N PHE D 153 -0.01 -13.03 21.99
CA PHE D 153 0.07 -11.62 21.70
C PHE D 153 0.93 -10.96 22.75
N GLY D 154 1.80 -10.04 22.34
CA GLY D 154 2.61 -9.34 23.31
C GLY D 154 3.46 -8.28 22.66
N SER D 155 4.21 -7.53 23.45
CA SER D 155 5.16 -6.58 22.89
C SER D 155 6.22 -7.28 22.04
N TRP D 156 6.60 -6.64 20.94
CA TRP D 156 7.64 -7.21 20.11
C TRP D 156 9.00 -6.93 20.73
N VAL D 157 9.17 -5.77 21.35
CA VAL D 157 10.52 -5.35 21.76
C VAL D 157 10.72 -5.07 23.25
N TYR D 158 9.63 -4.92 24.01
CA TYR D 158 9.76 -4.64 25.43
C TYR D 158 9.60 -5.88 26.29
N SER D 159 10.42 -6.00 27.33
CA SER D 159 10.27 -7.10 28.27
C SER D 159 9.23 -6.77 29.34
N GLY D 160 8.95 -7.75 30.21
CA GLY D 160 8.01 -7.57 31.31
C GLY D 160 8.45 -6.53 32.34
N PHE D 161 9.71 -6.10 32.25
CA PHE D 161 10.24 -5.05 33.11
C PHE D 161 9.90 -3.65 32.59
N GLU D 162 9.54 -3.56 31.31
CA GLU D 162 9.15 -2.29 30.67
C GLU D 162 7.65 -2.22 30.41
N ILE D 163 7.10 -3.30 29.85
CA ILE D 163 5.65 -3.39 29.66
C ILE D 163 5.10 -4.62 30.36
N ASP D 164 4.27 -4.38 31.36
CA ASP D 164 3.57 -5.48 31.99
C ASP D 164 2.20 -5.60 31.32
N LEU D 165 1.88 -6.79 30.83
CA LEU D 165 0.57 -7.05 30.28
C LEU D 165 -0.37 -7.58 31.33
N LYS D 166 -1.64 -7.15 31.27
CA LYS D 166 -2.68 -7.69 32.14
C LYS D 166 -3.94 -7.96 31.33
N THR D 167 -4.82 -8.78 31.89
CA THR D 167 -6.18 -8.93 31.37
C THR D 167 -7.19 -8.66 32.50
N ASP D 168 -8.40 -8.26 32.13
CA ASP D 168 -9.50 -8.14 33.09
C ASP D 168 -10.15 -9.48 33.37
N THR D 169 -10.07 -10.38 32.40
CA THR D 169 -10.67 -11.70 32.52
C THR D 169 -9.96 -12.66 31.59
N ASP D 170 -10.04 -13.96 31.86
CA ASP D 170 -9.42 -14.92 30.93
C ASP D 170 -10.46 -15.48 29.96
N GLN D 171 -11.67 -14.94 30.02
CA GLN D 171 -12.71 -15.31 29.08
C GLN D 171 -12.71 -14.35 27.91
N VAL D 172 -12.50 -14.88 26.71
CA VAL D 172 -12.64 -14.07 25.49
C VAL D 172 -14.12 -13.71 25.36
N ASP D 173 -14.41 -12.44 25.05
CA ASP D 173 -15.79 -12.00 24.90
C ASP D 173 -16.37 -12.56 23.61
N LEU D 174 -17.38 -13.42 23.75
CA LEU D 174 -17.99 -14.11 22.63
C LEU D 174 -19.42 -13.63 22.37
N SER D 175 -19.83 -12.58 23.07
CA SER D 175 -21.19 -12.08 22.97
C SER D 175 -21.49 -11.46 21.60
N SER D 176 -20.46 -11.09 20.85
CA SER D 176 -20.69 -10.65 19.47
C SER D 176 -20.19 -11.63 18.41
N TYR D 177 -19.99 -12.90 18.78
CA TYR D 177 -19.55 -13.88 17.79
C TYR D 177 -20.66 -14.12 16.77
N TYR D 178 -20.31 -14.10 15.49
CA TYR D 178 -21.29 -14.22 14.40
C TYR D 178 -22.06 -15.56 14.44
N ALA D 179 -23.37 -15.47 14.61
CA ALA D 179 -24.19 -16.65 14.88
C ALA D 179 -24.26 -17.62 13.72
N SER D 180 -24.01 -17.13 12.50
CA SER D 180 -24.05 -17.98 11.32
C SER D 180 -22.67 -18.21 10.71
N SER D 181 -21.63 -18.06 11.51
CA SER D 181 -20.29 -18.46 11.07
C SER D 181 -20.26 -19.92 10.61
N LYS D 182 -19.35 -20.25 9.69
CA LYS D 182 -19.10 -21.65 9.34
C LYS D 182 -18.61 -22.43 10.56
N TYR D 183 -18.06 -21.74 11.56
CA TYR D 183 -17.51 -22.44 12.71
C TYR D 183 -18.14 -21.97 14.00
N GLU D 184 -18.48 -22.90 14.88
CA GLU D 184 -18.97 -22.52 16.19
C GLU D 184 -17.85 -22.60 17.22
N ILE D 185 -17.91 -21.73 18.21
CA ILE D 185 -16.88 -21.70 19.24
C ILE D 185 -17.26 -22.56 20.43
N LEU D 186 -16.41 -23.54 20.72
CA LEU D 186 -16.59 -24.38 21.90
C LEU D 186 -16.02 -23.70 23.13
N SER D 187 -14.86 -23.07 22.98
CA SER D 187 -14.36 -22.18 24.03
C SER D 187 -13.32 -21.21 23.50
N ALA D 188 -13.15 -20.09 24.19
CA ALA D 188 -12.09 -19.16 23.85
C ALA D 188 -11.59 -18.46 25.10
N THR D 189 -10.30 -18.66 25.40
CA THR D 189 -9.68 -18.07 26.57
C THR D 189 -8.50 -17.18 26.21
N GLN D 190 -8.22 -16.22 27.08
CA GLN D 190 -7.12 -15.29 26.92
C GLN D 190 -6.34 -15.26 28.22
N THR D 191 -5.15 -15.84 28.23
CA THR D 191 -4.44 -16.10 29.48
C THR D 191 -3.09 -15.44 29.51
N ARG D 192 -2.86 -14.63 30.54
CA ARG D 192 -1.55 -14.00 30.73
C ARG D 192 -0.51 -15.05 31.05
N GLN D 193 0.62 -15.00 30.36
CA GLN D 193 1.71 -15.94 30.58
C GLN D 193 3.00 -15.21 30.91
N VAL D 194 3.75 -15.69 31.89
CA VAL D 194 5.09 -15.17 32.12
C VAL D 194 6.12 -16.16 31.57
N GLN D 195 6.94 -15.70 30.63
CA GLN D 195 7.90 -16.55 29.94
C GLN D 195 9.32 -16.12 30.28
N HIS D 196 10.21 -17.10 30.47
CA HIS D 196 11.62 -16.82 30.67
C HIS D 196 12.44 -17.50 29.59
N TYR D 197 13.57 -16.90 29.25
CA TYR D 197 14.50 -17.48 28.30
C TYR D 197 15.86 -17.68 28.97
N SER D 198 16.45 -18.87 28.80
CA SER D 198 17.64 -19.30 29.54
C SER D 198 18.77 -18.25 29.59
N CYS D 199 18.87 -17.44 28.54
CA CYS D 199 19.90 -16.40 28.46
C CYS D 199 19.75 -15.29 29.51
N CYS D 200 18.51 -14.96 29.85
CA CYS D 200 18.22 -13.70 30.51
C CYS D 200 17.36 -13.82 31.75
N PRO D 201 17.62 -12.95 32.74
CA PRO D 201 16.89 -12.94 34.01
C PRO D 201 15.50 -12.33 33.90
N GLU D 202 15.31 -11.43 32.93
CA GLU D 202 14.05 -10.67 32.86
C GLU D 202 12.90 -11.50 32.31
N PRO D 203 11.70 -11.28 32.87
CA PRO D 203 10.47 -11.96 32.42
C PRO D 203 9.93 -11.36 31.13
N TYR D 204 9.31 -12.19 30.29
CA TYR D 204 8.59 -11.72 29.13
C TYR D 204 7.14 -12.12 29.27
N ILE D 205 6.25 -11.23 28.86
CA ILE D 205 4.82 -11.42 29.09
C ILE D 205 4.06 -11.53 27.78
N ASP D 206 3.11 -12.46 27.69
CA ASP D 206 2.22 -12.48 26.55
C ASP D 206 0.83 -12.86 27.02
N VAL D 207 -0.16 -12.61 26.17
CA VAL D 207 -1.50 -13.12 26.41
C VAL D 207 -1.78 -14.19 25.37
N ASN D 208 -2.05 -15.40 25.83
CA ASN D 208 -2.26 -16.56 24.97
C ASN D 208 -3.74 -16.72 24.64
N LEU D 209 -4.09 -16.57 23.37
CA LEU D 209 -5.47 -16.71 22.92
C LEU D 209 -5.67 -18.14 22.44
N VAL D 210 -6.48 -18.91 23.17
CA VAL D 210 -6.71 -20.30 22.83
C VAL D 210 -8.16 -20.50 22.42
N VAL D 211 -8.36 -21.03 21.22
CA VAL D 211 -9.69 -21.17 20.67
C VAL D 211 -9.95 -22.63 20.28
N LYS D 212 -11.05 -23.16 20.80
CA LYS D 212 -11.51 -24.50 20.45
C LYS D 212 -12.78 -24.33 19.65
N PHE D 213 -12.81 -24.88 18.43
CA PHE D 213 -13.90 -24.63 17.49
C PHE D 213 -14.18 -25.82 16.59
N ARG D 214 -15.37 -25.82 15.98
CA ARG D 214 -15.73 -26.90 15.09
C ARG D 214 -16.77 -26.46 14.06
N GLU D 215 -16.95 -27.24 13.01
CA GLU D 215 -17.85 -26.86 11.94
C GLU D 215 -19.30 -26.79 12.42
N ASP E 5 -12.67 37.21 -18.96
CA ASP E 5 -11.46 36.43 -18.72
C ASP E 5 -10.78 36.84 -17.43
N ASP E 6 -10.72 38.14 -17.17
CA ASP E 6 -10.21 38.62 -15.89
C ASP E 6 -11.16 38.16 -14.79
N ASP E 7 -12.43 38.02 -15.17
CA ASP E 7 -13.45 37.46 -14.30
C ASP E 7 -13.06 36.06 -13.83
N LYS E 8 -12.57 35.25 -14.76
CA LYS E 8 -12.14 33.89 -14.44
C LYS E 8 -10.94 33.89 -13.48
N LEU E 9 -9.96 34.73 -13.76
CA LEU E 9 -8.82 34.87 -12.86
C LEU E 9 -9.28 35.32 -11.47
N HIS E 10 -10.30 36.18 -11.43
CA HIS E 10 -10.84 36.66 -10.15
C HIS E 10 -11.56 35.56 -9.38
N SER E 11 -12.27 34.69 -10.08
CA SER E 11 -13.01 33.61 -9.43
C SER E 11 -12.03 32.61 -8.80
N GLN E 12 -10.98 32.27 -9.54
CA GLN E 12 -9.90 31.43 -9.01
C GLN E 12 -9.30 32.05 -7.76
N ALA E 13 -9.07 33.36 -7.80
CA ALA E 13 -8.48 34.08 -6.68
C ALA E 13 -9.40 34.04 -5.46
N ASN E 14 -10.70 34.24 -5.69
CA ASN E 14 -11.67 34.18 -4.61
C ASN E 14 -11.70 32.80 -3.93
N LEU E 15 -11.65 31.76 -4.75
CA LEU E 15 -11.73 30.39 -4.24
C LEU E 15 -10.47 30.01 -3.45
N MET E 16 -9.30 30.34 -4.01
CA MET E 16 -8.04 30.07 -3.32
C MET E 16 -8.00 30.82 -2.00
N ARG E 17 -8.54 32.03 -2.01
CA ARG E 17 -8.61 32.82 -0.77
C ARG E 17 -9.61 32.23 0.22
N LEU E 18 -10.74 31.75 -0.27
CA LEU E 18 -11.75 31.15 0.61
C LEU E 18 -11.21 29.87 1.25
N LYS E 19 -10.53 29.08 0.44
CA LYS E 19 -9.97 27.83 0.90
C LYS E 19 -8.84 28.10 1.89
N SER E 20 -8.03 29.12 1.59
CA SER E 20 -6.95 29.52 2.48
C SER E 20 -7.47 29.99 3.83
N ASP E 21 -8.55 30.78 3.82
CA ASP E 21 -9.17 31.24 5.06
C ASP E 21 -9.78 30.11 5.89
N LEU E 22 -10.46 29.19 5.22
CA LEU E 22 -11.13 28.11 5.92
C LEU E 22 -10.17 27.09 6.52
N PHE E 23 -9.07 26.82 5.83
CA PHE E 23 -8.16 25.75 6.22
C PHE E 23 -6.87 26.26 6.88
N ASN E 24 -6.26 27.29 6.31
CA ASN E 24 -4.99 27.81 6.81
C ASN E 24 -5.11 28.80 7.95
N ARG E 25 -6.24 29.49 8.04
CA ARG E 25 -6.40 30.52 9.06
C ARG E 25 -7.42 30.13 10.12
N SER E 26 -7.54 28.82 10.39
CA SER E 26 -8.51 28.35 11.37
C SER E 26 -8.10 27.01 12.00
N TYR E 29 -11.16 21.54 12.74
CA TYR E 29 -12.28 21.04 13.54
C TYR E 29 -11.83 19.77 14.23
N PRO E 30 -11.90 19.77 15.56
CA PRO E 30 -11.34 18.69 16.36
C PRO E 30 -12.27 17.48 16.46
N GLY E 31 -13.39 17.53 15.75
CA GLY E 31 -14.40 16.50 15.84
C GLY E 31 -15.47 16.85 16.86
N PRO E 32 -16.57 16.08 16.86
CA PRO E 32 -17.68 16.39 17.75
C PRO E 32 -17.39 16.03 19.20
N THR E 33 -18.15 16.63 20.11
CA THR E 33 -18.02 16.34 21.54
C THR E 33 -19.42 16.25 22.13
N LYS E 34 -19.51 15.90 23.40
CA LYS E 34 -20.79 15.88 24.10
C LYS E 34 -21.46 17.25 24.10
N ASP E 35 -20.65 18.31 24.19
CA ASP E 35 -21.17 19.67 24.21
C ASP E 35 -21.50 20.17 22.81
N ASP E 36 -20.88 19.55 21.81
CA ASP E 36 -21.04 20.00 20.43
C ASP E 36 -21.21 18.78 19.51
N PRO E 37 -22.30 18.03 19.68
CA PRO E 37 -22.50 16.78 18.95
C PRO E 37 -22.88 17.02 17.49
N LEU E 38 -22.74 15.99 16.67
CA LEU E 38 -22.92 16.13 15.24
C LEU E 38 -23.87 15.07 14.73
N THR E 39 -24.80 15.46 13.85
CA THR E 39 -25.67 14.48 13.20
C THR E 39 -25.21 14.21 11.78
N VAL E 40 -24.93 12.94 11.49
CA VAL E 40 -24.50 12.56 10.16
C VAL E 40 -25.66 11.86 9.46
N THR E 41 -26.02 12.33 8.27
CA THR E 41 -27.05 11.65 7.50
C THR E 41 -26.39 10.65 6.54
N LEU E 42 -26.90 9.41 6.53
CA LEU E 42 -26.37 8.35 5.70
C LEU E 42 -27.46 7.81 4.79
N GLY E 43 -27.06 7.42 3.57
CA GLY E 43 -27.95 6.79 2.63
C GLY E 43 -27.11 5.85 1.77
N PHE E 44 -27.62 4.68 1.47
CA PHE E 44 -26.85 3.76 0.62
C PHE E 44 -27.45 3.63 -0.76
N THR E 45 -26.57 3.57 -1.76
CA THR E 45 -26.96 3.21 -3.11
C THR E 45 -26.29 1.89 -3.47
N LEU E 46 -27.07 0.82 -3.54
CA LEU E 46 -26.47 -0.50 -3.76
C LEU E 46 -26.31 -0.81 -5.25
N GLN E 47 -25.07 -1.06 -5.67
CA GLN E 47 -24.76 -1.30 -7.09
C GLN E 47 -24.72 -2.76 -7.49
N ASP E 48 -24.18 -3.60 -6.62
CA ASP E 48 -23.94 -4.96 -7.03
C ASP E 48 -23.65 -5.84 -5.85
N ILE E 49 -24.26 -7.02 -5.80
CA ILE E 49 -23.74 -8.09 -4.95
C ILE E 49 -22.84 -8.90 -5.87
N VAL E 50 -21.54 -8.82 -5.64
CA VAL E 50 -20.58 -9.35 -6.60
C VAL E 50 -20.35 -10.83 -6.41
N LYS E 51 -20.29 -11.22 -5.15
CA LYS E 51 -19.83 -12.54 -4.75
C LYS E 51 -20.52 -12.96 -3.46
N ALA E 52 -20.98 -14.21 -3.40
CA ALA E 52 -21.45 -14.76 -2.13
C ALA E 52 -20.75 -16.09 -1.89
N ASP E 53 -19.90 -16.12 -0.87
CA ASP E 53 -19.03 -17.26 -0.63
C ASP E 53 -19.59 -18.14 0.49
N SER E 54 -20.10 -19.31 0.12
CA SER E 54 -20.73 -20.21 1.07
C SER E 54 -19.71 -21.07 1.82
N SER E 55 -18.45 -21.03 1.38
CA SER E 55 -17.39 -21.74 2.08
C SER E 55 -16.84 -20.94 3.29
N THR E 56 -16.99 -19.62 3.26
CA THR E 56 -16.54 -18.75 4.37
C THR E 56 -17.66 -17.90 4.98
N ASN E 57 -18.85 -17.97 4.38
CA ASN E 57 -19.95 -17.08 4.76
C ASN E 57 -19.53 -15.60 4.78
N GLU E 58 -19.01 -15.18 3.63
CA GLU E 58 -18.71 -13.78 3.34
C GLU E 58 -19.43 -13.37 2.05
N VAL E 59 -20.05 -12.20 2.07
CA VAL E 59 -20.63 -11.67 0.84
C VAL E 59 -19.98 -10.34 0.50
N ASP E 60 -19.79 -10.06 -0.79
CA ASP E 60 -19.11 -8.86 -1.25
C ASP E 60 -20.10 -7.91 -1.91
N LEU E 61 -20.21 -6.70 -1.37
CA LEU E 61 -21.10 -5.69 -1.91
C LEU E 61 -20.32 -4.55 -2.54
N VAL E 62 -20.85 -4.01 -3.64
CA VAL E 62 -20.40 -2.72 -4.15
C VAL E 62 -21.55 -1.69 -4.03
N TYR E 63 -21.26 -0.56 -3.41
CA TYR E 63 -22.28 0.46 -3.14
C TYR E 63 -21.64 1.85 -3.02
N TYR E 64 -22.48 2.88 -3.11
CA TYR E 64 -22.11 4.26 -2.81
C TYR E 64 -22.75 4.65 -1.49
N GLU E 65 -21.97 5.26 -0.61
CA GLU E 65 -22.46 5.61 0.70
C GLU E 65 -22.49 7.14 0.78
N GLN E 66 -23.68 7.73 0.76
CA GLN E 66 -23.78 9.18 0.86
C GLN E 66 -23.73 9.68 2.31
N GLN E 67 -22.79 10.57 2.60
CA GLN E 67 -22.62 11.11 3.93
C GLN E 67 -22.80 12.62 3.88
N ARG E 68 -23.57 13.15 4.83
CA ARG E 68 -23.84 14.58 4.91
C ARG E 68 -23.79 15.05 6.36
N TRP E 69 -23.09 16.15 6.60
CA TRP E 69 -23.12 16.80 7.89
C TRP E 69 -22.90 18.30 7.72
N LYS E 70 -22.97 19.03 8.82
CA LYS E 70 -22.89 20.48 8.78
C LYS E 70 -22.08 21.03 9.94
N LEU E 71 -21.14 21.92 9.64
CA LEU E 71 -20.29 22.57 10.63
C LEU E 71 -20.35 24.09 10.50
N ASN E 72 -20.49 24.78 11.63
CA ASN E 72 -20.44 26.24 11.62
C ASN E 72 -19.08 26.75 11.15
N SER E 73 -18.03 25.99 11.46
CA SER E 73 -16.68 26.42 11.09
C SER E 73 -16.42 26.37 9.59
N LEU E 74 -17.34 25.81 8.82
CA LEU E 74 -17.17 25.76 7.36
C LEU E 74 -18.09 26.75 6.64
N MET E 75 -18.73 27.64 7.39
CA MET E 75 -19.66 28.62 6.80
C MET E 75 -18.92 29.83 6.25
N TRP E 76 -19.42 30.36 5.14
CA TRP E 76 -18.95 31.67 4.69
C TRP E 76 -20.08 32.44 4.03
N ASP E 77 -19.87 33.75 3.93
CA ASP E 77 -20.76 34.64 3.19
C ASP E 77 -20.34 34.65 1.72
N PRO E 78 -21.19 34.12 0.83
CA PRO E 78 -20.83 34.12 -0.60
C PRO E 78 -20.45 35.52 -1.13
N ASN E 79 -21.08 36.56 -0.60
CA ASN E 79 -20.78 37.94 -1.02
C ASN E 79 -19.34 38.39 -0.73
N GLU E 80 -18.70 37.81 0.29
CA GLU E 80 -17.31 38.14 0.57
C GLU E 80 -16.33 37.40 -0.34
N TYR E 81 -16.85 36.45 -1.13
CA TYR E 81 -15.99 35.61 -1.97
C TYR E 81 -16.53 35.44 -3.37
N GLY E 82 -16.85 36.56 -4.02
CA GLY E 82 -17.26 36.54 -5.41
C GLY E 82 -18.45 35.65 -5.70
N ASN E 83 -19.32 35.50 -4.71
CA ASN E 83 -20.54 34.70 -4.85
C ASN E 83 -20.33 33.19 -5.03
N ILE E 84 -19.14 32.72 -4.66
CA ILE E 84 -18.92 31.28 -4.53
C ILE E 84 -19.91 30.70 -3.52
N THR E 85 -20.70 29.73 -3.94
CA THR E 85 -21.68 29.13 -3.03
C THR E 85 -21.26 27.72 -2.55
N ASP E 86 -20.32 27.09 -3.26
CA ASP E 86 -19.78 25.80 -2.87
C ASP E 86 -18.46 25.53 -3.57
N PHE E 87 -17.74 24.51 -3.10
CA PHE E 87 -16.52 24.09 -3.76
C PHE E 87 -16.20 22.61 -3.48
N ARG E 88 -15.39 22.05 -4.35
CA ARG E 88 -14.90 20.68 -4.18
C ARG E 88 -13.55 20.74 -3.49
N THR E 89 -13.27 19.78 -2.62
CA THR E 89 -11.96 19.72 -2.01
C THR E 89 -11.60 18.31 -1.59
N SER E 90 -10.31 18.01 -1.60
CA SER E 90 -9.82 16.71 -1.12
C SER E 90 -10.38 16.43 0.28
N ALA E 91 -10.82 15.19 0.51
CA ALA E 91 -11.39 14.82 1.80
C ALA E 91 -10.36 14.92 2.92
N ALA E 92 -9.08 14.91 2.56
CA ALA E 92 -8.02 15.06 3.54
C ALA E 92 -7.93 16.49 4.10
N ASP E 93 -8.55 17.45 3.42
CA ASP E 93 -8.51 18.85 3.85
C ASP E 93 -9.44 19.13 5.02
N ILE E 94 -10.39 18.22 5.24
CA ILE E 94 -11.43 18.43 6.22
C ILE E 94 -11.61 17.22 7.14
N TRP E 95 -12.29 17.44 8.27
CA TRP E 95 -12.68 16.33 9.13
C TRP E 95 -13.74 15.48 8.41
N THR E 96 -13.65 14.16 8.51
CA THR E 96 -14.72 13.29 8.01
C THR E 96 -15.08 12.25 9.07
N PRO E 97 -16.36 11.81 9.12
CA PRO E 97 -16.76 10.88 10.18
C PRO E 97 -16.21 9.48 9.94
N ASP E 98 -15.93 8.76 11.02
CA ASP E 98 -15.34 7.42 10.93
C ASP E 98 -16.40 6.33 10.80
N ILE E 99 -17.25 6.46 9.79
CA ILE E 99 -18.35 5.53 9.57
C ILE E 99 -17.77 4.19 9.13
N THR E 100 -18.07 3.15 9.91
CA THR E 100 -17.41 1.87 9.80
C THR E 100 -18.42 0.74 9.77
N ALA E 101 -18.22 -0.25 8.89
CA ALA E 101 -19.02 -1.47 8.93
C ALA E 101 -18.64 -2.28 10.16
N TYR E 102 -19.63 -2.69 10.96
CA TYR E 102 -19.31 -3.36 12.22
C TYR E 102 -19.00 -4.86 12.05
N SER E 103 -19.23 -5.41 10.86
CA SER E 103 -19.00 -6.83 10.63
C SER E 103 -18.29 -7.11 9.29
N SER E 104 -17.40 -6.21 8.90
CA SER E 104 -16.54 -6.45 7.75
C SER E 104 -15.58 -7.61 8.03
N THR E 105 -15.07 -8.27 7.00
CA THR E 105 -14.10 -9.34 7.20
C THR E 105 -12.80 -9.02 6.50
N ARG E 106 -12.80 -7.91 5.77
CA ARG E 106 -11.62 -7.33 5.13
CA ARG E 106 -11.62 -7.35 5.12
C ARG E 106 -11.73 -5.83 5.10
N PRO E 107 -10.58 -5.13 5.03
CA PRO E 107 -10.61 -3.67 4.93
C PRO E 107 -11.46 -3.25 3.72
N VAL E 108 -12.32 -2.25 3.86
CA VAL E 108 -13.10 -1.82 2.69
CA VAL E 108 -13.10 -1.80 2.70
C VAL E 108 -12.15 -1.33 1.60
N GLN E 109 -12.55 -1.50 0.36
CA GLN E 109 -11.78 -1.01 -0.76
C GLN E 109 -12.48 0.19 -1.37
N VAL E 110 -11.77 1.30 -1.49
CA VAL E 110 -12.38 2.54 -2.00
C VAL E 110 -12.34 2.61 -3.52
N LEU E 111 -13.49 2.91 -4.14
CA LEU E 111 -13.59 2.85 -5.61
C LEU E 111 -13.70 4.23 -6.26
N SER E 112 -13.84 5.27 -5.45
CA SER E 112 -14.02 6.63 -5.94
C SER E 112 -13.01 7.59 -5.31
N PRO E 113 -12.78 8.74 -5.96
CA PRO E 113 -11.86 9.79 -5.50
C PRO E 113 -12.20 10.33 -4.11
N GLN E 114 -11.22 10.60 -3.26
CA GLN E 114 -11.50 11.10 -1.92
C GLN E 114 -11.73 12.61 -1.96
N ILE E 115 -12.89 13.00 -2.49
CA ILE E 115 -13.23 14.40 -2.68
C ILE E 115 -14.64 14.68 -2.18
N ALA E 116 -14.78 15.79 -1.47
CA ALA E 116 -16.07 16.15 -0.88
C ALA E 116 -16.50 17.51 -1.42
N VAL E 117 -17.78 17.82 -1.24
CA VAL E 117 -18.33 19.10 -1.67
C VAL E 117 -18.74 19.88 -0.44
N VAL E 118 -18.22 21.09 -0.29
CA VAL E 118 -18.54 21.97 0.84
C VAL E 118 -19.41 23.13 0.34
N THR E 119 -20.49 23.41 1.06
CA THR E 119 -21.44 24.46 0.69
C THR E 119 -21.39 25.60 1.71
N HIS E 120 -21.81 26.79 1.30
CA HIS E 120 -21.55 28.00 2.10
C HIS E 120 -22.23 27.97 3.47
N ASP E 121 -23.31 27.19 3.60
CA ASP E 121 -23.99 27.04 4.90
C ASP E 121 -23.26 26.07 5.82
N GLY E 122 -22.06 25.67 5.42
CA GLY E 122 -21.25 24.78 6.24
C GLY E 122 -21.57 23.31 6.08
N SER E 123 -22.47 22.98 5.16
CA SER E 123 -22.80 21.57 4.96
C SER E 123 -21.75 20.89 4.08
N VAL E 124 -21.55 19.59 4.33
CA VAL E 124 -20.57 18.80 3.59
C VAL E 124 -21.26 17.57 3.02
N MET E 125 -20.99 17.26 1.76
CA MET E 125 -21.45 16.01 1.18
C MET E 125 -20.26 15.20 0.65
N PHE E 126 -20.20 13.94 1.07
CA PHE E 126 -19.10 13.05 0.75
C PHE E 126 -19.69 11.70 0.38
N ILE E 127 -19.34 11.18 -0.80
CA ILE E 127 -19.99 9.96 -1.29
C ILE E 127 -18.97 8.91 -1.74
N PRO E 128 -18.36 8.21 -0.78
CA PRO E 128 -17.40 7.14 -1.13
C PRO E 128 -18.09 5.91 -1.73
N ALA E 129 -17.57 5.44 -2.87
CA ALA E 129 -17.95 4.15 -3.43
C ALA E 129 -16.98 3.11 -2.84
N GLN E 130 -17.53 1.98 -2.40
CA GLN E 130 -16.78 0.98 -1.66
C GLN E 130 -17.12 -0.42 -2.14
N ARG E 131 -16.14 -1.31 -2.06
CA ARG E 131 -16.42 -2.74 -2.08
C ARG E 131 -16.19 -3.27 -0.67
N LEU E 132 -17.18 -3.98 -0.14
CA LEU E 132 -17.15 -4.48 1.23
C LEU E 132 -17.38 -5.98 1.29
N SER E 133 -16.50 -6.70 2.00
CA SER E 133 -16.77 -8.10 2.34
C SER E 133 -17.27 -8.10 3.77
N PHE E 134 -18.40 -8.76 4.04
CA PHE E 134 -18.93 -8.78 5.40
C PHE E 134 -19.53 -10.13 5.73
N MET E 135 -19.78 -10.35 7.01
CA MET E 135 -20.28 -11.64 7.49
C MET E 135 -21.71 -11.91 7.04
N CYS E 136 -21.89 -12.99 6.29
CA CYS E 136 -23.17 -13.29 5.67
C CYS E 136 -23.24 -14.74 5.22
N ASP E 137 -24.21 -15.46 5.78
CA ASP E 137 -24.53 -16.82 5.38
C ASP E 137 -25.51 -16.77 4.23
N PRO E 138 -25.08 -17.14 3.01
CA PRO E 138 -25.95 -17.04 1.84
C PRO E 138 -26.85 -18.28 1.66
N THR E 139 -26.95 -19.13 2.67
CA THR E 139 -27.88 -20.27 2.60
C THR E 139 -29.26 -19.80 2.17
N GLY E 140 -29.81 -20.43 1.14
CA GLY E 140 -31.13 -20.06 0.67
C GLY E 140 -31.11 -19.22 -0.59
N VAL E 141 -29.94 -18.76 -1.00
CA VAL E 141 -29.83 -17.84 -2.14
C VAL E 141 -30.26 -18.52 -3.46
N ASP E 142 -30.13 -19.83 -3.53
CA ASP E 142 -30.58 -20.57 -4.72
C ASP E 142 -32.04 -21.01 -4.61
N SER E 143 -32.82 -20.29 -3.80
CA SER E 143 -34.23 -20.62 -3.62
C SER E 143 -35.09 -19.38 -3.84
N GLU E 144 -36.39 -19.59 -3.95
CA GLU E 144 -37.31 -18.50 -4.24
C GLU E 144 -37.33 -17.44 -3.14
N GLU E 145 -37.19 -17.88 -1.89
CA GLU E 145 -37.20 -16.97 -0.75
C GLU E 145 -35.90 -16.16 -0.67
N GLY E 146 -34.82 -16.75 -1.18
CA GLY E 146 -33.51 -16.10 -1.19
C GLY E 146 -32.82 -16.14 0.15
N ALA E 147 -31.81 -15.28 0.30
CA ALA E 147 -31.05 -15.21 1.54
C ALA E 147 -31.23 -13.83 2.15
N THR E 148 -31.04 -13.72 3.45
CA THR E 148 -31.11 -12.42 4.11
C THR E 148 -29.85 -12.20 4.91
N CYS E 149 -29.23 -11.03 4.73
CA CYS E 149 -28.07 -10.67 5.55
C CYS E 149 -28.15 -9.21 5.96
N ALA E 150 -27.39 -8.86 6.98
CA ALA E 150 -27.45 -7.52 7.53
C ALA E 150 -26.06 -7.06 7.96
N VAL E 151 -25.81 -5.77 7.84
CA VAL E 151 -24.57 -5.20 8.35
C VAL E 151 -24.86 -3.81 8.89
N LYS E 152 -24.32 -3.53 10.08
CA LYS E 152 -24.45 -2.23 10.71
C LYS E 152 -23.31 -1.30 10.31
N PHE E 153 -23.66 -0.04 10.05
CA PHE E 153 -22.69 1.03 9.82
C PHE E 153 -22.81 2.13 10.87
N GLY E 154 -21.70 2.50 11.50
CA GLY E 154 -21.74 3.57 12.47
C GLY E 154 -20.34 4.04 12.83
N SER E 155 -20.24 5.08 13.66
CA SER E 155 -18.95 5.50 14.16
C SER E 155 -18.26 4.35 14.93
N TRP E 156 -16.94 4.24 14.80
CA TRP E 156 -16.21 3.28 15.60
C TRP E 156 -15.90 3.83 17.00
N VAL E 157 -15.57 5.12 17.08
CA VAL E 157 -15.10 5.68 18.35
C VAL E 157 -16.04 6.68 19.05
N TYR E 158 -17.07 7.15 18.35
CA TYR E 158 -18.00 8.14 18.93
C TYR E 158 -19.33 7.52 19.30
N SER E 159 -19.73 7.65 20.57
CA SER E 159 -21.05 7.16 20.99
C SER E 159 -22.15 8.10 20.48
N GLY E 160 -23.40 7.70 20.71
CA GLY E 160 -24.55 8.50 20.35
C GLY E 160 -24.59 9.88 20.98
N PHE E 161 -23.82 10.08 22.04
CA PHE E 161 -23.75 11.40 22.63
C PHE E 161 -22.84 12.35 21.85
N GLU E 162 -22.05 11.82 20.91
CA GLU E 162 -21.16 12.65 20.09
C GLU E 162 -21.55 12.64 18.62
N ILE E 163 -21.82 11.44 18.09
CA ILE E 163 -22.33 11.35 16.74
C ILE E 163 -23.69 10.67 16.72
N ASP E 164 -24.67 11.38 16.18
CA ASP E 164 -25.96 10.79 15.90
C ASP E 164 -26.03 10.53 14.40
N LEU E 165 -26.81 9.54 13.99
CA LEU E 165 -27.01 9.30 12.56
C LEU E 165 -28.47 9.47 12.24
N LYS E 166 -28.76 9.84 11.00
CA LYS E 166 -30.13 9.75 10.52
C LYS E 166 -30.14 9.34 9.06
N THR E 167 -31.30 8.89 8.60
CA THR E 167 -31.51 8.60 7.19
C THR E 167 -32.63 9.50 6.64
N ASP E 168 -32.66 9.70 5.33
CA ASP E 168 -33.75 10.43 4.70
C ASP E 168 -34.87 9.47 4.35
N THR E 169 -34.53 8.19 4.26
CA THR E 169 -35.48 7.15 3.93
C THR E 169 -34.93 5.83 4.43
N ASP E 170 -35.80 4.85 4.66
CA ASP E 170 -35.34 3.53 5.06
C ASP E 170 -35.26 2.62 3.84
N GLN E 171 -35.48 3.19 2.65
CA GLN E 171 -35.35 2.44 1.41
C GLN E 171 -33.99 2.65 0.77
N VAL E 172 -33.20 1.58 0.69
CA VAL E 172 -31.93 1.65 -0.05
C VAL E 172 -32.20 1.97 -1.51
N ASP E 173 -31.43 2.87 -2.10
CA ASP E 173 -31.63 3.23 -3.49
C ASP E 173 -31.14 2.12 -4.39
N LEU E 174 -32.04 1.50 -5.14
CA LEU E 174 -31.70 0.40 -6.02
C LEU E 174 -31.73 0.81 -7.49
N SER E 175 -31.90 2.10 -7.74
CA SER E 175 -32.08 2.57 -9.10
C SER E 175 -30.82 2.42 -9.95
N SER E 176 -29.69 2.15 -9.31
CA SER E 176 -28.45 1.89 -10.03
C SER E 176 -27.93 0.46 -9.85
N TYR E 177 -28.77 -0.44 -9.36
CA TYR E 177 -28.34 -1.83 -9.15
C TYR E 177 -28.09 -2.51 -10.49
N TYR E 178 -26.97 -3.21 -10.58
CA TYR E 178 -26.51 -3.82 -11.82
C TYR E 178 -27.50 -4.88 -12.33
N ALA E 179 -28.10 -4.61 -13.48
CA ALA E 179 -29.20 -5.44 -14.00
C ALA E 179 -28.81 -6.88 -14.35
N SER E 180 -27.53 -7.12 -14.62
CA SER E 180 -27.09 -8.49 -14.93
C SER E 180 -26.17 -9.07 -13.87
N SER E 181 -26.28 -8.54 -12.64
CA SER E 181 -25.67 -9.17 -11.46
C SER E 181 -26.01 -10.65 -11.38
N LYS E 182 -25.13 -11.45 -10.79
CA LYS E 182 -25.48 -12.85 -10.51
C LYS E 182 -26.62 -12.92 -9.49
N TYR E 183 -26.85 -11.85 -8.75
CA TYR E 183 -27.87 -11.86 -7.70
C TYR E 183 -28.89 -10.76 -7.90
N GLU E 184 -30.16 -11.11 -7.75
CA GLU E 184 -31.22 -10.10 -7.79
C GLU E 184 -31.64 -9.70 -6.38
N ILE E 185 -32.00 -8.43 -6.20
CA ILE E 185 -32.40 -7.91 -4.90
C ILE E 185 -33.92 -8.03 -4.67
N LEU E 186 -34.30 -8.75 -3.62
CA LEU E 186 -35.70 -8.85 -3.24
C LEU E 186 -36.12 -7.66 -2.38
N SER E 187 -35.24 -7.24 -1.48
CA SER E 187 -35.45 -6.00 -0.75
C SER E 187 -34.15 -5.50 -0.13
N ALA E 188 -34.05 -4.18 0.05
CA ALA E 188 -32.90 -3.58 0.69
C ALA E 188 -33.36 -2.40 1.55
N THR E 189 -33.15 -2.50 2.86
CA THR E 189 -33.58 -1.44 3.76
C THR E 189 -32.43 -0.91 4.61
N GLN E 190 -32.55 0.34 5.04
CA GLN E 190 -31.52 1.00 5.85
C GLN E 190 -32.20 1.67 7.04
N THR E 191 -31.91 1.18 8.24
CA THR E 191 -32.65 1.60 9.43
C THR E 191 -31.75 2.11 10.55
N ARG E 192 -32.00 3.33 11.02
CA ARG E 192 -31.31 3.88 12.19
C ARG E 192 -31.57 3.01 13.42
N GLN E 193 -30.52 2.68 14.17
CA GLN E 193 -30.66 1.88 15.39
C GLN E 193 -29.93 2.55 16.55
N VAL E 194 -30.49 2.45 17.75
CA VAL E 194 -29.80 2.86 18.95
C VAL E 194 -29.23 1.59 19.59
N GLN E 195 -27.91 1.42 19.49
CA GLN E 195 -27.28 0.11 19.71
C GLN E 195 -26.49 0.04 21.02
N HIS E 196 -26.89 -0.87 21.91
CA HIS E 196 -26.26 -0.98 23.22
C HIS E 196 -25.25 -2.11 23.24
N TYR E 197 -24.01 -1.77 23.56
CA TYR E 197 -22.93 -2.76 23.67
C TYR E 197 -22.58 -2.98 25.15
N SER E 198 -22.42 -4.24 25.54
CA SER E 198 -22.21 -4.56 26.95
C SER E 198 -20.91 -3.94 27.49
N CYS E 199 -20.03 -3.55 26.59
CA CYS E 199 -18.79 -2.86 26.94
C CYS E 199 -19.02 -1.47 27.56
N CYS E 200 -20.11 -0.82 27.20
CA CYS E 200 -20.20 0.62 27.36
C CYS E 200 -21.58 1.09 27.76
N PRO E 201 -21.65 2.00 28.74
CA PRO E 201 -22.95 2.54 29.18
C PRO E 201 -23.62 3.40 28.10
N GLU E 202 -22.83 4.05 27.24
CA GLU E 202 -23.42 4.88 26.20
C GLU E 202 -23.66 4.09 24.91
N PRO E 203 -24.86 4.22 24.35
CA PRO E 203 -25.17 3.51 23.10
C PRO E 203 -24.42 4.11 21.92
N TYR E 204 -24.23 3.33 20.86
CA TYR E 204 -23.73 3.82 19.58
C TYR E 204 -24.89 3.81 18.59
N ILE E 205 -24.94 4.79 17.70
CA ILE E 205 -25.95 4.79 16.66
C ILE E 205 -25.41 4.09 15.44
N ASP E 206 -26.21 3.23 14.82
CA ASP E 206 -25.80 2.66 13.55
C ASP E 206 -26.97 2.74 12.59
N VAL E 207 -26.67 2.57 11.31
CA VAL E 207 -27.68 2.31 10.29
C VAL E 207 -27.53 0.86 9.84
N ASN E 208 -28.60 0.10 10.01
CA ASN E 208 -28.56 -1.33 9.74
C ASN E 208 -29.01 -1.56 8.30
N LEU E 209 -28.11 -2.12 7.48
CA LEU E 209 -28.39 -2.40 6.08
C LEU E 209 -28.86 -3.85 5.98
N VAL E 210 -30.11 -4.06 5.62
CA VAL E 210 -30.65 -5.43 5.50
C VAL E 210 -31.01 -5.73 4.06
N VAL E 211 -30.36 -6.75 3.50
CA VAL E 211 -30.50 -7.08 2.09
C VAL E 211 -31.01 -8.51 1.96
N LYS E 212 -32.13 -8.66 1.25
CA LYS E 212 -32.67 -9.97 0.89
C LYS E 212 -32.42 -10.17 -0.59
N PHE E 213 -31.78 -11.27 -0.94
CA PHE E 213 -31.33 -11.44 -2.32
C PHE E 213 -31.35 -12.91 -2.72
N ARG E 214 -31.37 -13.17 -4.02
CA ARG E 214 -31.33 -14.54 -4.51
C ARG E 214 -30.65 -14.60 -5.88
N GLU E 215 -30.20 -15.80 -6.26
CA GLU E 215 -29.62 -15.99 -7.58
C GLU E 215 -30.63 -15.64 -8.66
N ARG E 216 -30.18 -14.90 -9.67
CA ARG E 216 -31.03 -14.39 -10.74
C ARG E 216 -31.59 -15.50 -11.63
C21 MD4 F . 3.50 2.64 -24.83
N16 MD4 F . 3.03 3.99 -25.18
C20 MD4 F . 1.63 3.84 -25.62
C15 MD4 F . 3.91 4.67 -26.16
C14 MD4 F . 5.18 5.01 -25.41
C13 MD4 F . 4.72 5.12 -23.96
C17 MD4 F . 3.30 6.00 -26.59
C19 MD4 F . 3.02 6.92 -25.39
C18 MD4 F . 2.48 6.18 -24.16
C12 MD4 F . 3.21 4.86 -24.01
N10 MD4 F . 2.02 7.92 -25.85
N9 MD4 F . 0.70 7.49 -25.92
N8 MD4 F . -0.01 8.60 -26.35
C11 MD4 F . 2.15 9.20 -26.20
C7 MD4 F . 0.87 9.63 -26.52
C5 MD4 F . 0.51 10.99 -26.99
C6 MD4 F . 1.32 12.09 -26.78
C1 MD4 F . 0.90 13.33 -27.26
C4 MD4 F . -0.68 11.13 -27.69
C3 MD4 F . -1.05 12.39 -28.16
N2 MD4 F . -0.25 13.44 -27.93
H212 MD4 F . 4.50 2.69 -24.48
H213 MD4 F . 2.88 2.23 -24.07
H211 MD4 F . 3.45 2.02 -25.68
H201 MD4 F . 1.20 4.79 -25.80
H202 MD4 F . 1.06 3.34 -24.86
H203 MD4 F . 1.60 3.26 -26.51
H15 MD4 F . 4.12 4.04 -27.02
H141 MD4 F . 5.61 5.95 -25.75
H142 MD4 F . 5.92 4.21 -25.51
H132 MD4 F . 4.92 6.13 -23.56
H131 MD4 F . 5.23 4.39 -23.33
H172 MD4 F . 3.99 6.50 -27.28
H171 MD4 F . 2.37 5.80 -27.13
H19 MD4 F . 3.95 7.42 -25.13
H182 MD4 F . 2.63 6.79 -23.27
H181 MD4 F . 1.41 6.00 -24.27
H12 MD4 F . 2.90 4.35 -23.08
H11 MD4 F . 3.07 9.78 -26.24
H6 MD4 F . 2.25 11.99 -26.24
H1 MD4 F . 1.52 14.20 -27.10
H4 MD4 F . -1.33 10.28 -27.88
H3 MD4 F . -1.98 12.52 -28.70
C21 MD4 G . -19.01 -2.02 16.91
N16 MD4 G . -18.31 -1.71 18.17
C20 MD4 G . -17.67 -2.98 18.60
C15 MD4 G . -19.20 -1.07 19.17
C14 MD4 G . -19.49 0.31 18.60
C13 MD4 G . -18.23 0.63 17.78
C17 MD4 G . -18.51 -0.88 20.51
C19 MD4 G . -17.21 -0.06 20.40
C18 MD4 G . -16.42 -0.42 19.14
C12 MD4 G . -17.35 -0.60 17.94
N10 MD4 G . -16.45 -0.30 21.64
N9 MD4 G . -15.86 -1.55 21.79
N8 MD4 G . -15.22 -1.49 23.03
C11 MD4 G . -16.22 0.46 22.69
C7 MD4 G . -15.45 -0.28 23.58
C5 MD4 G . -14.98 0.19 24.91
C6 MD4 G . -14.99 1.54 25.24
C1 MD4 G . -14.55 1.93 26.49
C4 MD4 G . -14.55 -0.72 25.86
C3 MD4 G . -14.12 -0.27 27.10
N2 MD4 G . -14.13 1.04 27.39
H212 MD4 G . -19.46 -1.14 16.54
H213 MD4 G . -18.32 -2.38 16.20
H211 MD4 G . -19.75 -2.75 17.10
H201 MD4 G . -17.07 -2.81 19.46
H202 MD4 G . -17.07 -3.35 17.82
H203 MD4 G . -18.42 -3.69 18.84
H15 MD4 G . -20.13 -1.63 19.29
H141 MD4 G . -19.63 1.04 19.40
H142 MD4 G . -20.37 0.30 17.96
H132 MD4 G . -17.73 1.51 18.19
H131 MD4 G . -18.48 0.79 16.74
H172 MD4 G . -19.20 -0.38 21.19
H171 MD4 G . -18.27 -1.87 20.93
H19 MD4 G . -17.49 1.00 20.33
H182 MD4 G . -15.70 0.38 18.92
H181 MD4 G . -15.85 -1.34 19.32
H12 MD4 G . -16.77 -0.77 17.04
H11 MD4 G . -16.58 1.48 22.85
H6 MD4 G . -15.33 2.27 24.51
H1 MD4 G . -14.54 2.99 26.76
H4 MD4 G . -14.54 -1.78 25.63
H3 MD4 G . -13.78 -0.98 27.85
#